data_8RSZ
#
_entry.id   8RSZ
#
_cell.length_a   183.600
_cell.length_b   61.500
_cell.length_c   67.600
_cell.angle_alpha   90.00
_cell.angle_beta   94.55
_cell.angle_gamma   90.00
#
_symmetry.space_group_name_H-M   'C 1 2 1'
#
loop_
_entity.id
_entity.type
_entity.pdbx_description
1 polymer 'Tryptophan synthase alpha chain'
2 polymer 'Tryptophan synthase beta chain'
3 non-polymer 'CESIUM ION'
4 non-polymer 'CHLORIDE ION'
5 water water
#
loop_
_entity_poly.entity_id
_entity_poly.type
_entity_poly.pdbx_seq_one_letter_code
_entity_poly.pdbx_strand_id
1 'polypeptide(L)'
;MERYENLFAQLNDRREGAFVPFVTLGDPGIEQSLKIIDTLIDAGADALELGVPFSDPLADGPTIQNANLRAFAAGVTPAQ
CFEMLALIREKHPTIPIGLLMYANLVFNNGIDAFYARCEQVGVDSVLVADVPVEESAPFRQAALRHNIAPIFICPPNADD
DLLRQVASYGRGYTYLLSRSGVTGAENRGALPLHHLIEKLKEYHAAPALQGFGISSPEQVSAAVRAGAAGAISGSAIVKI
IEKNLASPKQMLAELRSFVSAMKAASRA
;
A
2 'polypeptide(L)'
;TTLLNPYFGEFGGMYVPQILMPALNQLEEAFVSAQKDPEFQAQFADLLKNYAGRPTALTKCQNITAGTRTTLYLKREDLL
HGGAH(LLP)TNQVLGQALLAKRMGKSEIIAETGAGQHGVASALASALLGLKCRIYMGAKDVERQSPNVFRMRLMGAEVI
PVHSGSATLKDACNEALRDWSGSYETAHYMLGTAAGPHPYPTIVREFQRMIGEETKAQILDKEGRLPDAVIACVGGGSNA
IGMFADFINDTSVGLIGVEPGGHGIETGEHGAPLKHGRVGIYFGMKAPMMQTADGQIEESYSISAGLDFPSVGPQHAYLN
SIGRADYVSITDDEALEAFKTLCRHEGIIPALESSHALAHALKMMREQPEKEQLLVVNLSGRGDKDIFTVHDILKARG
;
E
#
loop_
_chem_comp.id
_chem_comp.type
_chem_comp.name
_chem_comp.formula
CL non-polymer 'CHLORIDE ION' 'Cl -1'
CS non-polymer 'CESIUM ION' 'Cs 1'
#
# COMPACT_ATOMS: atom_id res chain seq x y z
N MET A 1 36.24 0.76 1.97
CA MET A 1 35.80 1.07 3.33
C MET A 1 35.10 -0.10 3.92
N GLU A 2 35.45 -0.49 5.13
CA GLU A 2 34.59 -1.41 5.83
C GLU A 2 34.57 -1.01 7.29
N ARG A 3 33.67 -0.05 7.57
CA ARG A 3 33.55 0.54 8.89
C ARG A 3 32.87 -0.40 9.87
N TYR A 4 31.96 -1.27 9.40
CA TYR A 4 31.28 -2.17 10.33
C TYR A 4 32.26 -3.18 10.90
N GLU A 5 33.04 -3.83 10.01
CA GLU A 5 34.03 -4.83 10.42
C GLU A 5 35.03 -4.25 11.40
N ASN A 6 35.55 -3.06 11.09
CA ASN A 6 36.48 -2.39 11.99
C ASN A 6 35.81 -2.08 13.32
N LEU A 7 34.61 -1.50 13.27
CA LEU A 7 33.85 -1.25 14.48
C LEU A 7 33.67 -2.51 15.31
N PHE A 8 33.22 -3.60 14.70
CA PHE A 8 32.99 -4.82 15.47
C PHE A 8 34.30 -5.43 15.95
N ALA A 9 35.39 -5.25 15.19
CA ALA A 9 36.69 -5.76 15.62
C ALA A 9 37.16 -5.06 16.90
N GLN A 10 37.14 -3.73 16.92
CA GLN A 10 37.54 -3.02 18.13
C GLN A 10 36.56 -3.24 19.27
N LEU A 11 35.26 -3.33 18.98
CA LEU A 11 34.32 -3.57 20.06
C LEU A 11 34.57 -4.90 20.76
N ASN A 12 35.03 -5.91 20.01
CA ASN A 12 35.17 -7.24 20.58
C ASN A 12 36.47 -7.38 21.40
N ASP A 13 37.54 -6.72 20.98
N ASP A 13 37.56 -6.74 21.00
CA ASP A 13 38.75 -6.68 21.79
CA ASP A 13 38.72 -6.78 21.88
C ASP A 13 38.56 -5.89 23.08
C ASP A 13 38.61 -5.81 23.05
N ARG A 14 37.50 -5.08 23.15
CA ARG A 14 37.18 -4.28 24.32
C ARG A 14 35.95 -4.82 25.06
N ARG A 15 35.54 -6.05 24.71
CA ARG A 15 34.35 -6.71 25.24
C ARG A 15 33.15 -5.80 25.42
N GLU A 16 32.81 -5.04 24.39
CA GLU A 16 31.61 -4.20 24.40
C GLU A 16 30.67 -4.60 23.27
N GLY A 17 29.39 -4.33 23.47
CA GLY A 17 28.45 -4.35 22.37
C GLY A 17 28.30 -2.97 21.72
N ALA A 18 27.66 -2.94 20.57
CA ALA A 18 27.42 -1.69 19.87
C ALA A 18 26.12 -1.06 20.34
N PHE A 19 26.12 0.26 20.51
CA PHE A 19 24.89 1.02 20.68
C PHE A 19 24.64 1.87 19.45
N VAL A 20 23.45 1.73 18.87
CA VAL A 20 23.10 2.35 17.59
C VAL A 20 21.79 3.12 17.70
N PRO A 21 21.83 4.44 17.77
CA PRO A 21 20.57 5.19 17.75
C PRO A 21 20.01 5.29 16.35
N PHE A 22 18.69 5.33 16.27
CA PHE A 22 18.01 5.71 15.05
C PHE A 22 17.46 7.13 15.19
N VAL A 23 17.50 7.90 14.09
CA VAL A 23 16.97 9.25 14.08
C VAL A 23 16.55 9.61 12.65
N THR A 24 15.48 10.39 12.53
CA THR A 24 15.02 10.83 11.22
C THR A 24 15.81 12.08 10.80
N LEU A 25 16.33 12.06 9.58
CA LEU A 25 17.14 13.18 9.11
C LEU A 25 16.26 14.40 8.87
N GLY A 26 16.67 15.54 9.41
CA GLY A 26 15.87 16.75 9.28
C GLY A 26 14.82 16.94 10.34
N ASP A 27 14.75 16.06 11.34
CA ASP A 27 13.78 16.18 12.44
C ASP A 27 14.48 16.83 13.62
N PRO A 28 13.98 17.96 14.16
CA PRO A 28 12.77 18.69 13.72
C PRO A 28 13.05 19.75 12.67
N GLY A 29 14.32 20.12 12.51
CA GLY A 29 14.76 20.93 11.39
C GLY A 29 16.09 20.40 10.90
N ILE A 30 16.60 21.02 9.84
CA ILE A 30 17.86 20.54 9.28
C ILE A 30 19.00 20.82 10.25
N GLU A 31 19.09 22.04 10.77
CA GLU A 31 20.24 22.40 11.61
C GLU A 31 20.14 21.76 12.99
N GLN A 32 18.93 21.65 13.54
CA GLN A 32 18.82 20.94 14.81
C GLN A 32 19.11 19.46 14.65
N SER A 33 18.73 18.88 13.51
CA SER A 33 19.04 17.48 13.25
C SER A 33 20.55 17.24 13.18
N LEU A 34 21.30 18.17 12.59
CA LEU A 34 22.76 18.01 12.54
C LEU A 34 23.38 18.17 13.93
N LYS A 35 22.82 19.03 14.78
CA LYS A 35 23.32 19.10 16.15
C LYS A 35 22.96 17.86 16.93
N ILE A 36 21.79 17.28 16.66
CA ILE A 36 21.37 16.06 17.36
C ILE A 36 22.33 14.92 17.04
N ILE A 37 22.70 14.79 15.77
CA ILE A 37 23.58 13.70 15.37
C ILE A 37 24.98 13.90 15.94
N ASP A 38 25.48 15.14 15.93
CA ASP A 38 26.78 15.40 16.56
C ASP A 38 26.73 15.13 18.05
N THR A 39 25.57 15.37 18.70
CA THR A 39 25.44 15.07 20.12
C THR A 39 25.44 13.56 20.36
N LEU A 40 24.69 12.82 19.55
CA LEU A 40 24.63 11.37 19.67
C LEU A 40 26.02 10.75 19.50
N ILE A 41 26.82 11.27 18.55
CA ILE A 41 28.15 10.70 18.33
C ILE A 41 29.05 10.97 19.54
N ASP A 42 29.05 12.22 20.00
CA ASP A 42 29.96 12.59 21.09
C ASP A 42 29.53 11.98 22.42
N ALA A 43 28.26 11.59 22.57
CA ALA A 43 27.82 10.88 23.75
C ALA A 43 28.06 9.38 23.69
N GLY A 44 28.70 8.87 22.63
CA GLY A 44 29.17 7.50 22.61
C GLY A 44 28.50 6.56 21.64
N ALA A 45 27.60 7.03 20.77
CA ALA A 45 27.00 6.16 19.75
C ALA A 45 28.08 5.50 18.90
N ASP A 46 27.98 4.18 18.73
CA ASP A 46 28.98 3.45 17.94
C ASP A 46 28.74 3.56 16.44
N ALA A 47 27.47 3.62 16.02
CA ALA A 47 27.10 3.81 14.64
C ALA A 47 25.78 4.57 14.61
N LEU A 48 25.29 4.83 13.41
CA LEU A 48 24.07 5.61 13.24
C LEU A 48 23.16 4.89 12.28
N GLU A 49 21.86 4.92 12.59
N GLU A 49 21.86 4.89 12.59
CA GLU A 49 20.84 4.48 11.66
CA GLU A 49 20.84 4.48 11.66
C GLU A 49 19.94 5.67 11.38
C GLU A 49 19.95 5.68 11.38
N LEU A 50 19.90 6.11 10.12
CA LEU A 50 19.26 7.36 9.74
C LEU A 50 18.13 7.08 8.78
N GLY A 51 16.99 7.73 9.00
CA GLY A 51 15.84 7.56 8.15
C GLY A 51 15.69 8.76 7.23
N VAL A 52 15.23 8.50 6.01
CA VAL A 52 14.92 9.55 5.05
C VAL A 52 13.41 9.73 5.06
N PRO A 53 12.90 10.93 5.33
CA PRO A 53 11.45 11.14 5.40
C PRO A 53 10.73 10.68 4.13
N PHE A 54 9.73 9.83 4.31
CA PHE A 54 8.92 9.31 3.21
C PHE A 54 7.45 9.53 3.54
N SER A 55 6.63 9.75 2.50
CA SER A 55 5.23 10.09 2.70
C SER A 55 4.47 8.95 3.34
N ASP A 56 4.76 7.71 2.96
CA ASP A 56 3.94 6.57 3.32
C ASP A 56 4.77 5.45 3.96
N PRO A 57 5.23 5.65 5.21
CA PRO A 57 6.04 4.64 5.93
C PRO A 57 5.19 3.57 6.64
N LEU A 58 4.64 2.66 5.83
CA LEU A 58 3.75 1.63 6.36
C LEU A 58 4.43 0.70 7.37
N ALA A 59 5.77 0.69 7.42
CA ALA A 59 6.52 -0.19 8.31
C ALA A 59 6.97 0.52 9.59
N ASP A 60 6.37 1.66 9.91
CA ASP A 60 6.80 2.44 11.06
C ASP A 60 5.61 2.77 11.96
N GLY A 61 5.88 2.74 13.27
CA GLY A 61 4.89 3.12 14.26
C GLY A 61 4.70 4.62 14.33
N PRO A 62 3.84 5.04 15.25
CA PRO A 62 3.42 6.46 15.29
C PRO A 62 4.56 7.42 15.59
N THR A 63 5.47 7.05 16.49
CA THR A 63 6.57 7.94 16.86
C THR A 63 7.35 8.36 15.62
N ILE A 64 7.64 7.41 14.74
CA ILE A 64 8.38 7.71 13.52
C ILE A 64 7.49 8.41 12.50
N GLN A 65 6.21 8.04 12.44
CA GLN A 65 5.30 8.73 11.51
C GLN A 65 5.30 10.23 11.76
N ASN A 66 5.35 10.64 13.03
CA ASN A 66 5.36 12.06 13.37
C ASN A 66 6.71 12.71 13.10
N ALA A 67 7.80 11.97 13.33
CA ALA A 67 9.12 12.48 12.96
C ALA A 67 9.17 12.83 11.48
N ASN A 68 8.67 11.92 10.64
CA ASN A 68 8.59 12.20 9.21
C ASN A 68 7.81 13.46 8.94
N LEU A 69 6.70 13.66 9.64
CA LEU A 69 5.88 14.85 9.42
C LEU A 69 6.60 16.10 9.88
N ARG A 70 7.27 16.03 11.04
CA ARG A 70 8.10 17.16 11.47
C ARG A 70 9.14 17.51 10.41
N ALA A 71 9.79 16.50 9.82
CA ALA A 71 10.82 16.78 8.82
C ALA A 71 10.21 17.40 7.56
N PHE A 72 9.08 16.86 7.09
CA PHE A 72 8.40 17.43 5.92
C PHE A 72 7.97 18.87 6.17
N ALA A 73 7.44 19.16 7.37
CA ALA A 73 7.14 20.53 7.75
C ALA A 73 8.37 21.44 7.61
N ALA A 74 9.55 20.92 7.96
CA ALA A 74 10.79 21.67 7.84
C ALA A 74 11.26 21.80 6.40
N GLY A 75 10.56 21.21 5.43
CA GLY A 75 10.99 21.31 4.05
C GLY A 75 12.04 20.30 3.62
N VAL A 76 12.29 19.25 4.41
CA VAL A 76 13.37 18.32 4.12
C VAL A 76 13.03 17.48 2.89
N THR A 77 14.00 17.32 1.99
CA THR A 77 13.83 16.49 0.80
C THR A 77 14.92 15.42 0.75
N PRO A 78 14.76 14.40 -0.09
CA PRO A 78 15.86 13.44 -0.24
C PRO A 78 17.17 14.08 -0.67
N ALA A 79 17.13 15.08 -1.55
CA ALA A 79 18.36 15.73 -1.96
C ALA A 79 19.03 16.42 -0.79
N GLN A 80 18.24 17.08 0.05
CA GLN A 80 18.84 17.71 1.22
C GLN A 80 19.41 16.68 2.17
N CYS A 81 18.75 15.51 2.26
CA CYS A 81 19.22 14.46 3.12
C CYS A 81 20.61 14.00 2.69
N PHE A 82 20.82 13.83 1.38
CA PHE A 82 22.11 13.43 0.88
C PHE A 82 23.17 14.50 1.10
N GLU A 83 22.78 15.77 0.97
CA GLU A 83 23.70 16.83 1.38
C GLU A 83 24.05 16.71 2.85
N MET A 84 23.04 16.56 3.72
CA MET A 84 23.32 16.34 5.14
C MET A 84 24.27 15.17 5.35
N LEU A 85 24.04 14.07 4.62
CA LEU A 85 24.87 12.88 4.77
C LEU A 85 26.34 13.17 4.45
N ALA A 86 26.61 14.01 3.44
CA ALA A 86 28.01 14.35 3.13
C ALA A 86 28.64 15.17 4.25
N LEU A 87 27.90 16.09 4.86
CA LEU A 87 28.45 16.87 5.96
C LEU A 87 28.80 15.96 7.13
N ILE A 88 27.83 15.13 7.55
CA ILE A 88 28.07 14.22 8.65
C ILE A 88 29.33 13.40 8.40
N ARG A 89 29.45 12.83 7.21
CA ARG A 89 30.61 12.00 6.91
C ARG A 89 31.90 12.81 6.96
N GLU A 90 31.84 14.06 6.51
CA GLU A 90 33.01 14.93 6.53
C GLU A 90 33.50 15.18 7.94
N LYS A 91 32.59 15.25 8.92
CA LYS A 91 32.99 15.51 10.30
C LYS A 91 33.41 14.25 11.03
N HIS A 92 32.89 13.10 10.65
CA HIS A 92 33.04 11.86 11.41
C HIS A 92 33.43 10.76 10.45
N PRO A 93 34.72 10.63 10.13
CA PRO A 93 35.13 9.74 9.03
C PRO A 93 35.00 8.26 9.32
N THR A 94 34.93 7.83 10.60
CA THR A 94 35.00 6.41 10.93
C THR A 94 33.69 5.79 11.38
N ILE A 95 32.70 6.57 11.76
CA ILE A 95 31.49 5.96 12.31
C ILE A 95 30.69 5.36 11.17
N PRO A 96 30.18 4.13 11.30
CA PRO A 96 29.37 3.56 10.22
C PRO A 96 28.02 4.24 10.19
N ILE A 97 27.49 4.42 8.98
CA ILE A 97 26.22 5.12 8.76
C ILE A 97 25.32 4.22 7.91
N GLY A 98 24.20 3.80 8.48
CA GLY A 98 23.21 3.01 7.76
C GLY A 98 21.98 3.86 7.52
N LEU A 99 21.40 3.74 6.33
CA LEU A 99 20.14 4.41 6.02
C LEU A 99 18.99 3.42 6.14
N LEU A 100 17.86 3.90 6.69
CA LEU A 100 16.60 3.16 6.63
C LEU A 100 15.74 3.82 5.55
N MET A 101 15.56 3.13 4.43
CA MET A 101 14.85 3.64 3.27
C MET A 101 13.54 2.90 3.08
N TYR A 102 12.65 3.55 2.34
CA TYR A 102 11.51 2.91 1.72
C TYR A 102 11.78 2.75 0.23
N ALA A 103 11.22 1.68 -0.35
CA ALA A 103 11.64 1.25 -1.68
C ALA A 103 11.43 2.33 -2.73
N ASN A 104 10.34 3.09 -2.67
CA ASN A 104 10.08 4.02 -3.77
C ASN A 104 11.16 5.09 -3.88
N LEU A 105 11.67 5.57 -2.73
CA LEU A 105 12.78 6.53 -2.78
C LEU A 105 14.03 5.92 -3.37
N VAL A 106 14.24 4.62 -3.20
CA VAL A 106 15.38 3.96 -3.84
C VAL A 106 15.11 3.75 -5.32
N PHE A 107 13.87 3.40 -5.65
CA PHE A 107 13.52 3.11 -7.04
C PHE A 107 13.47 4.38 -7.89
N ASN A 108 13.19 5.53 -7.26
CA ASN A 108 12.70 6.71 -7.97
C ASN A 108 13.59 7.10 -9.16
N ASN A 109 14.85 7.46 -8.89
CA ASN A 109 15.77 7.90 -9.94
C ASN A 109 16.64 6.75 -10.45
N GLY A 110 16.18 5.51 -10.32
CA GLY A 110 17.01 4.38 -10.70
C GLY A 110 17.70 3.75 -9.50
N ILE A 111 17.67 2.43 -9.41
CA ILE A 111 18.22 1.73 -8.23
C ILE A 111 19.74 1.83 -8.20
N ASP A 112 20.39 1.56 -9.33
CA ASP A 112 21.84 1.72 -9.39
C ASP A 112 22.25 3.14 -9.03
N ALA A 113 21.56 4.14 -9.60
CA ALA A 113 21.91 5.53 -9.34
C ALA A 113 21.81 5.87 -7.86
N PHE A 114 20.80 5.31 -7.15
CA PHE A 114 20.66 5.57 -5.73
C PHE A 114 21.87 5.05 -4.95
N TYR A 115 22.28 3.81 -5.22
CA TYR A 115 23.39 3.22 -4.47
C TYR A 115 24.71 3.86 -4.84
N ALA A 116 24.85 4.32 -6.09
CA ALA A 116 26.00 5.14 -6.47
C ALA A 116 26.09 6.38 -5.60
N ARG A 117 24.96 7.09 -5.40
CA ARG A 117 24.97 8.31 -4.60
C ARG A 117 25.31 8.02 -3.13
N CYS A 118 24.91 6.84 -2.63
CA CYS A 118 25.26 6.46 -1.26
C CYS A 118 26.77 6.31 -1.10
N GLU A 119 27.38 5.62 -2.05
CA GLU A 119 28.83 5.41 -2.02
C GLU A 119 29.58 6.73 -2.15
N GLN A 120 29.02 7.65 -2.94
CA GLN A 120 29.64 8.96 -3.15
C GLN A 120 29.66 9.79 -1.89
N VAL A 121 28.59 9.74 -1.08
CA VAL A 121 28.59 10.47 0.18
C VAL A 121 29.12 9.63 1.34
N GLY A 122 29.57 8.41 1.10
CA GLY A 122 30.18 7.63 2.16
C GLY A 122 29.22 6.95 3.12
N VAL A 123 28.08 6.49 2.62
CA VAL A 123 27.14 5.71 3.41
C VAL A 123 27.61 4.26 3.44
N ASP A 124 27.46 3.59 4.58
CA ASP A 124 27.97 2.23 4.72
C ASP A 124 26.93 1.14 4.48
N SER A 125 25.65 1.36 4.82
CA SER A 125 24.68 0.29 4.61
C SER A 125 23.32 0.89 4.32
N VAL A 126 22.44 0.07 3.74
CA VAL A 126 21.06 0.47 3.45
C VAL A 126 20.12 -0.67 3.80
N LEU A 127 19.12 -0.37 4.64
CA LEU A 127 17.98 -1.25 4.86
C LEU A 127 16.78 -0.69 4.10
N VAL A 128 16.21 -1.48 3.21
CA VAL A 128 14.96 -1.12 2.56
C VAL A 128 13.83 -1.84 3.28
N ALA A 129 13.04 -1.06 4.03
CA ALA A 129 12.05 -1.61 4.97
C ALA A 129 11.00 -2.50 4.29
N ASP A 130 10.59 -2.15 3.06
CA ASP A 130 9.49 -2.85 2.40
C ASP A 130 9.95 -3.68 1.22
N VAL A 131 11.19 -4.16 1.26
CA VAL A 131 11.71 -5.10 0.29
C VAL A 131 12.12 -6.37 1.04
N PRO A 132 11.27 -7.39 1.08
CA PRO A 132 11.64 -8.64 1.74
C PRO A 132 12.75 -9.35 0.98
N VAL A 133 13.40 -10.32 1.63
CA VAL A 133 14.52 -10.99 0.96
C VAL A 133 14.07 -11.58 -0.37
N GLU A 134 12.81 -12.03 -0.44
CA GLU A 134 12.30 -12.64 -1.67
C GLU A 134 12.29 -11.68 -2.85
N GLU A 135 12.21 -10.37 -2.59
CA GLU A 135 12.17 -9.37 -3.65
C GLU A 135 13.48 -8.60 -3.79
N SER A 136 14.52 -9.01 -3.05
CA SER A 136 15.62 -8.08 -2.84
C SER A 136 16.69 -8.13 -3.93
N ALA A 137 16.59 -9.05 -4.89
CA ALA A 137 17.70 -9.28 -5.83
C ALA A 137 18.22 -7.99 -6.49
N PRO A 138 17.40 -7.16 -7.16
CA PRO A 138 17.96 -5.94 -7.75
C PRO A 138 18.54 -4.98 -6.74
N PHE A 139 18.00 -4.95 -5.52
CA PHE A 139 18.50 -4.00 -4.53
C PHE A 139 19.86 -4.43 -3.99
N ARG A 140 20.00 -5.68 -3.56
CA ARG A 140 21.29 -6.03 -2.96
C ARG A 140 22.40 -6.11 -4.01
N GLN A 141 22.06 -6.50 -5.24
CA GLN A 141 23.07 -6.52 -6.30
C GLN A 141 23.58 -5.11 -6.60
N ALA A 142 22.68 -4.15 -6.68
CA ALA A 142 23.12 -2.77 -6.82
C ALA A 142 23.97 -2.34 -5.62
N ALA A 143 23.58 -2.74 -4.41
CA ALA A 143 24.35 -2.38 -3.21
C ALA A 143 25.77 -2.96 -3.26
N LEU A 144 25.89 -4.26 -3.55
CA LEU A 144 27.21 -4.87 -3.62
C LEU A 144 28.06 -4.23 -4.71
N ARG A 145 27.49 -3.95 -5.88
CA ARG A 145 28.27 -3.29 -6.93
C ARG A 145 28.83 -1.94 -6.48
N HIS A 146 28.20 -1.30 -5.49
CA HIS A 146 28.67 0.01 -5.05
C HIS A 146 29.19 -0.03 -3.62
N ASN A 147 29.59 -1.22 -3.16
CA ASN A 147 30.26 -1.40 -1.88
C ASN A 147 29.39 -0.93 -0.73
N ILE A 148 28.08 -1.06 -0.89
CA ILE A 148 27.12 -0.79 0.15
C ILE A 148 26.67 -2.11 0.73
N ALA A 149 26.64 -2.23 2.05
CA ALA A 149 26.16 -3.47 2.66
C ALA A 149 24.62 -3.47 2.71
N PRO A 150 23.97 -4.51 2.23
CA PRO A 150 22.51 -4.58 2.32
C PRO A 150 22.07 -5.20 3.63
N ILE A 151 21.20 -4.49 4.37
CA ILE A 151 20.78 -4.90 5.70
C ILE A 151 19.40 -5.54 5.58
N PHE A 152 19.21 -6.67 6.25
CA PHE A 152 17.92 -7.35 6.23
C PHE A 152 17.42 -7.50 7.66
N ILE A 153 16.10 -7.33 7.82
CA ILE A 153 15.46 -7.58 9.11
C ILE A 153 15.20 -9.07 9.25
N CYS A 154 15.53 -9.60 10.41
CA CYS A 154 15.20 -10.97 10.78
C CYS A 154 14.05 -10.90 11.78
N PRO A 155 12.82 -11.24 11.41
CA PRO A 155 11.67 -10.98 12.31
C PRO A 155 11.44 -12.11 13.29
N PRO A 156 10.53 -11.93 14.28
CA PRO A 156 10.28 -13.01 15.25
C PRO A 156 9.73 -14.27 14.64
N ASN A 157 8.92 -14.16 13.58
CA ASN A 157 8.30 -15.30 12.92
C ASN A 157 9.19 -15.88 11.82
N ALA A 158 10.52 -15.82 11.97
CA ALA A 158 11.43 -16.30 10.94
C ALA A 158 11.55 -17.83 10.99
N ASP A 159 11.37 -18.48 9.84
CA ASP A 159 11.63 -19.91 9.77
C ASP A 159 13.08 -20.12 9.35
N ASP A 160 13.46 -21.38 9.09
CA ASP A 160 14.86 -21.68 8.82
C ASP A 160 15.28 -21.16 7.44
N ASP A 161 14.42 -21.29 6.43
CA ASP A 161 14.82 -20.82 5.10
C ASP A 161 15.09 -19.33 5.12
N LEU A 162 14.30 -18.57 5.90
CA LEU A 162 14.55 -17.13 6.02
C LEU A 162 15.94 -16.87 6.61
N LEU A 163 16.28 -17.57 7.70
CA LEU A 163 17.59 -17.37 8.31
C LEU A 163 18.72 -17.70 7.35
N ARG A 164 18.59 -18.79 6.61
CA ARG A 164 19.60 -19.10 5.61
C ARG A 164 19.75 -17.95 4.63
N GLN A 165 18.63 -17.43 4.12
CA GLN A 165 18.69 -16.33 3.17
C GLN A 165 19.29 -15.09 3.80
N VAL A 166 18.79 -14.69 4.96
CA VAL A 166 19.31 -13.52 5.66
C VAL A 166 20.82 -13.67 5.88
N ALA A 167 21.27 -14.87 6.21
CA ALA A 167 22.69 -15.09 6.47
C ALA A 167 23.53 -14.97 5.20
N SER A 168 23.02 -15.41 4.04
CA SER A 168 23.80 -15.32 2.81
C SER A 168 23.77 -13.93 2.18
N TYR A 169 22.63 -13.25 2.25
CA TYR A 169 22.45 -12.03 1.45
C TYR A 169 22.87 -10.78 2.20
N GLY A 170 22.81 -10.76 3.52
CA GLY A 170 23.13 -9.58 4.27
C GLY A 170 24.62 -9.42 4.54
N ARG A 171 25.01 -8.18 4.79
CA ARG A 171 26.37 -7.80 5.14
C ARG A 171 26.28 -6.71 6.19
N GLY A 172 27.42 -6.38 6.80
CA GLY A 172 27.41 -5.35 7.81
C GLY A 172 26.90 -5.85 9.15
N TYR A 173 25.58 -5.93 9.31
CA TYR A 173 24.99 -6.50 10.51
C TYR A 173 23.61 -7.04 10.16
N THR A 174 23.03 -7.79 11.09
CA THR A 174 21.68 -8.31 10.93
C THR A 174 20.72 -7.57 11.86
N TYR A 175 19.63 -7.04 11.29
CA TYR A 175 18.65 -6.29 12.08
C TYR A 175 17.72 -7.29 12.74
N LEU A 176 17.92 -7.54 14.03
CA LEU A 176 17.13 -8.52 14.76
C LEU A 176 15.92 -7.88 15.40
N LEU A 177 14.76 -8.49 15.22
CA LEU A 177 13.53 -8.05 15.87
C LEU A 177 13.11 -9.06 16.94
N SER A 178 13.47 -8.76 18.19
CA SER A 178 13.14 -9.56 19.38
C SER A 178 13.84 -10.91 19.41
N LEU A 191 10.15 -17.89 18.49
CA LEU A 191 11.28 -18.75 18.81
C LEU A 191 12.25 -17.96 19.69
N PRO A 192 12.95 -18.63 20.60
CA PRO A 192 13.84 -17.92 21.54
C PRO A 192 14.93 -17.09 20.85
N LEU A 193 15.36 -16.05 21.56
CA LEU A 193 16.40 -15.15 21.09
C LEU A 193 17.74 -15.89 20.96
N HIS A 194 18.22 -16.45 22.06
CA HIS A 194 19.51 -17.15 22.07
C HIS A 194 19.56 -18.22 21.00
N HIS A 195 18.45 -18.88 20.71
CA HIS A 195 18.43 -19.82 19.61
C HIS A 195 18.55 -19.09 18.27
N LEU A 196 17.82 -17.98 18.11
CA LEU A 196 17.95 -17.19 16.90
C LEU A 196 19.38 -16.68 16.71
N ILE A 197 19.97 -16.15 17.79
CA ILE A 197 21.37 -15.72 17.74
C ILE A 197 22.28 -16.86 17.29
N GLU A 198 22.04 -18.06 17.84
CA GLU A 198 22.93 -19.19 17.58
C GLU A 198 22.81 -19.68 16.15
N LYS A 199 21.58 -19.86 15.67
CA LYS A 199 21.40 -20.25 14.28
C LYS A 199 22.09 -19.28 13.34
N LEU A 200 21.99 -17.97 13.61
CA LEU A 200 22.66 -16.98 12.76
C LEU A 200 24.18 -17.14 12.84
N LYS A 201 24.70 -17.41 14.04
CA LYS A 201 26.13 -17.65 14.17
C LYS A 201 26.53 -18.94 13.46
N GLU A 202 25.67 -19.95 13.52
CA GLU A 202 25.91 -21.18 12.76
C GLU A 202 26.05 -20.89 11.27
N TYR A 203 25.13 -20.08 10.71
CA TYR A 203 25.10 -19.81 9.28
C TYR A 203 26.02 -18.68 8.86
N HIS A 204 26.86 -18.16 9.78
CA HIS A 204 27.88 -17.15 9.46
C HIS A 204 27.23 -15.84 8.99
N ALA A 205 26.08 -15.52 9.57
CA ALA A 205 25.42 -14.24 9.33
C ALA A 205 26.29 -13.09 9.85
N ALA A 206 26.05 -11.91 9.30
CA ALA A 206 26.66 -10.73 9.86
C ALA A 206 26.24 -10.59 11.32
N PRO A 207 27.08 -9.97 12.16
CA PRO A 207 26.74 -9.81 13.58
C PRO A 207 25.35 -9.24 13.78
N ALA A 208 24.64 -9.76 14.79
CA ALA A 208 23.22 -9.47 14.96
C ALA A 208 23.04 -8.33 15.97
N LEU A 209 22.37 -7.26 15.52
CA LEU A 209 21.95 -6.17 16.41
C LEU A 209 20.48 -6.32 16.73
N GLN A 210 20.17 -6.38 18.02
CA GLN A 210 18.80 -6.49 18.51
C GLN A 210 18.13 -5.11 18.41
N GLY A 211 16.92 -5.07 17.87
CA GLY A 211 16.35 -3.78 17.57
C GLY A 211 14.91 -3.59 17.98
N PHE A 212 14.41 -4.50 18.81
CA PHE A 212 13.03 -4.45 19.29
C PHE A 212 13.01 -3.85 20.69
N GLY A 213 12.29 -2.72 20.85
CA GLY A 213 11.99 -2.18 22.16
C GLY A 213 13.19 -2.01 23.07
N ILE A 214 14.23 -1.37 22.55
CA ILE A 214 15.46 -1.13 23.29
C ILE A 214 15.34 0.28 23.86
N SER A 215 14.91 0.37 25.14
CA SER A 215 14.64 1.66 25.75
C SER A 215 15.44 1.92 27.01
N SER A 216 15.98 0.89 27.67
CA SER A 216 16.65 1.02 28.95
C SER A 216 18.03 0.38 28.90
N PRO A 217 18.95 0.85 29.74
CA PRO A 217 20.27 0.22 29.79
C PRO A 217 20.22 -1.28 30.02
N GLU A 218 19.32 -1.76 30.89
CA GLU A 218 19.28 -3.19 31.20
C GLU A 218 18.91 -4.03 29.97
N GLN A 219 18.16 -3.46 29.03
CA GLN A 219 17.87 -4.16 27.79
C GLN A 219 19.09 -4.24 26.89
N VAL A 220 19.89 -3.16 26.83
CA VAL A 220 21.16 -3.20 26.12
C VAL A 220 22.06 -4.30 26.70
N SER A 221 22.15 -4.37 28.04
CA SER A 221 22.96 -5.42 28.65
C SER A 221 22.39 -6.81 28.38
N ALA A 222 21.06 -6.95 28.35
CA ALA A 222 20.49 -8.26 28.06
C ALA A 222 20.91 -8.75 26.68
N ALA A 223 20.81 -7.90 25.66
CA ALA A 223 21.06 -8.32 24.28
C ALA A 223 22.49 -8.79 24.10
N VAL A 224 23.46 -8.05 24.64
CA VAL A 224 24.86 -8.47 24.57
C VAL A 224 25.05 -9.79 25.31
N ARG A 225 24.48 -9.89 26.51
CA ARG A 225 24.52 -11.15 27.26
C ARG A 225 23.92 -12.29 26.44
N ALA A 226 22.76 -12.06 25.81
CA ALA A 226 22.13 -13.09 25.00
C ALA A 226 22.95 -13.47 23.76
N GLY A 227 24.09 -12.81 23.50
CA GLY A 227 24.93 -13.13 22.36
C GLY A 227 24.83 -12.18 21.17
N ALA A 228 23.96 -11.18 21.22
CA ALA A 228 23.90 -10.18 20.16
C ALA A 228 25.10 -9.23 20.28
N ALA A 229 25.54 -8.71 19.12
CA ALA A 229 26.66 -7.80 19.11
C ALA A 229 26.28 -6.38 19.53
N GLY A 230 25.01 -6.12 19.76
CA GLY A 230 24.61 -4.78 20.15
C GLY A 230 23.12 -4.57 19.96
N ALA A 231 22.72 -3.32 20.13
CA ALA A 231 21.31 -2.94 20.18
C ALA A 231 21.11 -1.65 19.39
N ILE A 232 19.96 -1.58 18.71
CA ILE A 232 19.52 -0.38 18.03
C ILE A 232 18.37 0.22 18.82
N SER A 233 18.46 1.51 19.12
CA SER A 233 17.34 2.15 19.80
C SER A 233 16.43 2.73 18.72
N GLY A 234 15.43 1.94 18.31
CA GLY A 234 14.62 2.24 17.15
C GLY A 234 13.73 3.48 17.26
N SER A 235 13.36 3.90 18.48
CA SER A 235 12.47 5.05 18.57
C SER A 235 12.63 5.81 19.88
N ALA A 236 13.29 5.21 20.87
CA ALA A 236 13.46 5.88 22.15
C ALA A 236 14.14 7.23 22.00
N ILE A 237 14.96 7.39 20.95
CA ILE A 237 15.63 8.66 20.71
C ILE A 237 14.67 9.66 20.08
N VAL A 238 13.78 9.18 19.20
CA VAL A 238 12.84 10.08 18.54
C VAL A 238 11.84 10.63 19.56
N LYS A 239 11.57 9.89 20.64
CA LYS A 239 10.65 10.37 21.67
C LYS A 239 11.31 11.43 22.56
N ILE A 240 12.61 11.32 22.82
CA ILE A 240 13.30 12.42 23.50
C ILE A 240 13.22 13.69 22.67
N ILE A 241 13.28 13.57 21.35
CA ILE A 241 13.14 14.74 20.50
C ILE A 241 11.71 15.29 20.56
N GLU A 242 10.73 14.40 20.56
CA GLU A 242 9.33 14.80 20.63
C GLU A 242 9.01 15.43 21.99
N LYS A 243 9.41 14.77 23.08
CA LYS A 243 9.22 15.28 24.43
C LYS A 243 9.77 16.70 24.60
N ASN A 244 10.92 16.99 23.98
CA ASN A 244 11.65 18.23 24.26
C ASN A 244 11.65 19.17 23.06
N LEU A 245 10.55 19.21 22.29
CA LEU A 245 10.51 20.05 21.10
C LEU A 245 10.63 21.54 21.42
N ALA A 246 10.16 21.97 22.60
CA ALA A 246 10.14 23.40 22.87
C ALA A 246 11.48 23.93 23.40
N SER A 247 12.25 23.09 24.09
CA SER A 247 13.53 23.50 24.68
C SER A 247 14.64 22.72 24.00
N PRO A 248 15.26 23.29 22.97
CA PRO A 248 16.31 22.54 22.25
C PRO A 248 17.51 22.20 23.12
N LYS A 249 17.90 23.06 24.06
CA LYS A 249 19.05 22.74 24.88
C LYS A 249 18.74 21.66 25.91
N GLN A 250 17.48 21.58 26.38
CA GLN A 250 17.07 20.42 27.16
C GLN A 250 17.13 19.15 26.32
N MET A 251 16.64 19.23 25.08
CA MET A 251 16.63 18.07 24.18
C MET A 251 18.03 17.47 24.04
N LEU A 252 19.04 18.32 23.81
CA LEU A 252 20.39 17.80 23.64
C LEU A 252 20.94 17.19 24.93
N ALA A 253 20.70 17.87 26.06
CA ALA A 253 21.24 17.37 27.33
C ALA A 253 20.64 16.01 27.68
N GLU A 254 19.35 15.82 27.43
CA GLU A 254 18.73 14.53 27.75
C GLU A 254 19.13 13.45 26.74
N LEU A 255 19.38 13.87 25.49
CA LEU A 255 19.95 12.96 24.51
C LEU A 255 21.35 12.52 24.92
N ARG A 256 22.16 13.46 25.41
CA ARG A 256 23.49 13.10 25.90
C ARG A 256 23.39 12.18 27.10
N SER A 257 22.48 12.48 28.02
CA SER A 257 22.32 11.65 29.21
C SER A 257 21.89 10.24 28.84
N PHE A 258 20.86 10.13 28.02
CA PHE A 258 20.33 8.82 27.63
C PHE A 258 21.39 7.99 26.90
N VAL A 259 22.05 8.59 25.93
CA VAL A 259 22.95 7.83 25.06
C VAL A 259 24.13 7.29 25.86
N SER A 260 24.77 8.15 26.66
CA SER A 260 25.91 7.69 27.46
C SER A 260 25.48 6.67 28.50
N ALA A 261 24.24 6.77 28.99
CA ALA A 261 23.72 5.72 29.86
C ALA A 261 23.56 4.40 29.10
N MET A 262 22.99 4.46 27.89
CA MET A 262 22.80 3.25 27.10
C MET A 262 24.13 2.67 26.65
N LYS A 263 25.10 3.52 26.34
CA LYS A 263 26.39 3.01 25.88
C LYS A 263 27.24 2.46 27.03
N ALA A 264 27.10 3.01 28.23
CA ALA A 264 27.77 2.40 29.37
C ALA A 264 27.25 0.98 29.60
N ALA A 265 25.95 0.77 29.37
CA ALA A 265 25.34 -0.53 29.59
C ALA A 265 25.93 -1.61 28.68
N SER A 266 26.54 -1.23 27.55
CA SER A 266 27.10 -2.21 26.60
C SER A 266 28.45 -2.74 27.03
N ARG A 267 29.13 -2.13 27.99
CA ARG A 267 30.39 -2.69 28.47
C ARG A 267 30.06 -3.77 29.50
N ALA A 268 29.96 -5.00 29.03
CA ALA A 268 29.76 -6.15 29.91
C ALA A 268 31.11 -6.59 30.46
N THR B 1 8.64 -20.49 -3.37
CA THR B 1 8.30 -19.33 -2.56
C THR B 1 6.82 -18.92 -2.68
N THR B 2 6.26 -18.81 -3.89
CA THR B 2 4.82 -18.66 -4.06
C THR B 2 4.30 -19.69 -5.04
N LEU B 3 3.02 -20.06 -4.86
CA LEU B 3 2.38 -20.98 -5.78
C LEU B 3 2.03 -20.31 -7.11
N LEU B 4 1.80 -18.99 -7.10
CA LEU B 4 1.40 -18.24 -8.29
C LEU B 4 2.42 -17.15 -8.58
N ASN B 5 2.46 -16.74 -9.84
CA ASN B 5 3.29 -15.60 -10.23
C ASN B 5 2.78 -14.35 -9.53
N PRO B 6 3.58 -13.66 -8.71
CA PRO B 6 3.15 -12.38 -8.14
C PRO B 6 3.26 -11.21 -9.10
N TYR B 7 3.70 -11.44 -10.34
CA TYR B 7 3.89 -10.36 -11.29
C TYR B 7 2.96 -10.52 -12.49
N PHE B 8 2.49 -9.38 -13.01
CA PHE B 8 1.88 -9.28 -14.33
C PHE B 8 2.88 -8.49 -15.19
N GLY B 9 3.57 -9.20 -16.07
CA GLY B 9 4.71 -8.59 -16.72
C GLY B 9 5.70 -8.10 -15.68
N GLU B 10 5.97 -6.78 -15.72
CA GLU B 10 6.90 -6.14 -14.79
C GLU B 10 6.22 -5.52 -13.57
N PHE B 11 4.89 -5.59 -13.47
CA PHE B 11 4.12 -4.92 -12.43
C PHE B 11 3.67 -5.93 -11.38
N GLY B 12 3.53 -5.46 -10.13
CA GLY B 12 3.06 -6.34 -9.08
C GLY B 12 4.07 -6.56 -7.95
N GLY B 13 4.26 -7.81 -7.54
CA GLY B 13 5.23 -8.11 -6.51
C GLY B 13 4.65 -8.15 -5.11
N MET B 14 5.55 -8.34 -4.16
CA MET B 14 5.22 -8.45 -2.74
C MET B 14 6.15 -7.56 -1.94
N TYR B 15 5.95 -6.25 -2.07
CA TYR B 15 6.84 -5.28 -1.47
C TYR B 15 6.36 -4.93 -0.06
N VAL B 16 6.52 -5.90 0.85
CA VAL B 16 6.08 -5.69 2.23
C VAL B 16 7.27 -5.91 3.16
N PRO B 17 7.21 -5.31 4.36
CA PRO B 17 8.18 -5.67 5.41
C PRO B 17 8.22 -7.17 5.58
N GLN B 18 9.42 -7.68 5.91
CA GLN B 18 9.59 -9.12 6.03
C GLN B 18 8.52 -9.72 6.93
N ILE B 19 8.13 -9.00 7.98
CA ILE B 19 7.24 -9.59 8.98
C ILE B 19 5.88 -10.00 8.39
N LEU B 20 5.45 -9.40 7.27
CA LEU B 20 4.15 -9.70 6.69
C LEU B 20 4.18 -10.82 5.65
N MET B 21 5.35 -11.34 5.27
CA MET B 21 5.36 -12.36 4.23
C MET B 21 4.66 -13.65 4.63
N PRO B 22 4.85 -14.21 5.83
CA PRO B 22 4.09 -15.43 6.16
C PRO B 22 2.58 -15.23 6.09
N ALA B 23 2.09 -14.03 6.42
CA ALA B 23 0.66 -13.77 6.25
C ALA B 23 0.25 -13.89 4.79
N LEU B 24 1.07 -13.34 3.88
CA LEU B 24 0.74 -13.41 2.45
C LEU B 24 0.86 -14.82 1.93
N ASN B 25 1.91 -15.52 2.34
CA ASN B 25 2.09 -16.92 1.95
C ASN B 25 0.94 -17.78 2.43
N GLN B 26 0.53 -17.60 3.70
CA GLN B 26 -0.63 -18.36 4.20
C GLN B 26 -1.89 -18.01 3.41
N LEU B 27 -2.05 -16.75 3.02
CA LEU B 27 -3.26 -16.35 2.32
C LEU B 27 -3.29 -16.89 0.90
N GLU B 28 -2.15 -16.86 0.21
CA GLU B 28 -2.10 -17.45 -1.12
C GLU B 28 -2.46 -18.93 -1.09
N GLU B 29 -1.92 -19.66 -0.11
CA GLU B 29 -2.12 -21.10 -0.07
C GLU B 29 -3.59 -21.44 0.17
N ALA B 30 -4.22 -20.76 1.13
CA ALA B 30 -5.64 -20.99 1.41
C ALA B 30 -6.49 -20.63 0.20
N PHE B 31 -6.14 -19.54 -0.49
CA PHE B 31 -6.87 -19.18 -1.70
C PHE B 31 -6.70 -20.26 -2.77
N VAL B 32 -5.48 -20.77 -2.95
CA VAL B 32 -5.31 -21.75 -4.02
C VAL B 32 -6.19 -22.97 -3.74
N SER B 33 -6.21 -23.43 -2.49
CA SER B 33 -6.99 -24.62 -2.20
C SER B 33 -8.48 -24.32 -2.21
N ALA B 34 -8.91 -23.13 -1.77
CA ALA B 34 -10.33 -22.78 -1.86
C ALA B 34 -10.80 -22.78 -3.31
N GLN B 35 -9.96 -22.32 -4.25
CA GLN B 35 -10.32 -22.33 -5.65
C GLN B 35 -10.55 -23.74 -6.18
N LYS B 36 -9.95 -24.75 -5.58
CA LYS B 36 -10.13 -26.11 -6.04
C LYS B 36 -11.19 -26.86 -5.23
N ASP B 37 -11.82 -26.18 -4.29
CA ASP B 37 -12.75 -26.82 -3.37
C ASP B 37 -14.18 -26.60 -3.83
N PRO B 38 -14.85 -27.60 -4.41
CA PRO B 38 -16.28 -27.42 -4.77
C PRO B 38 -17.12 -26.89 -3.63
N GLU B 39 -16.87 -27.34 -2.41
CA GLU B 39 -17.71 -26.88 -1.30
C GLU B 39 -17.56 -25.39 -1.08
N PHE B 40 -16.35 -24.86 -1.23
CA PHE B 40 -16.17 -23.42 -1.10
C PHE B 40 -16.93 -22.67 -2.20
N GLN B 41 -16.80 -23.12 -3.46
CA GLN B 41 -17.46 -22.45 -4.57
C GLN B 41 -18.98 -22.48 -4.41
N ALA B 42 -19.51 -23.57 -3.88
CA ALA B 42 -20.94 -23.68 -3.72
C ALA B 42 -21.43 -22.71 -2.64
N GLN B 43 -20.75 -22.67 -1.49
CA GLN B 43 -21.12 -21.70 -0.47
C GLN B 43 -20.99 -20.28 -0.98
N PHE B 44 -19.90 -19.98 -1.70
CA PHE B 44 -19.75 -18.67 -2.32
C PHE B 44 -20.93 -18.35 -3.23
N ALA B 45 -21.20 -19.21 -4.22
CA ALA B 45 -22.27 -18.90 -5.16
C ALA B 45 -23.62 -18.82 -4.47
N ASP B 46 -23.83 -19.60 -3.40
CA ASP B 46 -25.05 -19.52 -2.62
C ASP B 46 -25.25 -18.12 -2.04
N LEU B 47 -24.23 -17.59 -1.35
CA LEU B 47 -24.35 -16.23 -0.80
C LEU B 47 -24.56 -15.20 -1.90
N LEU B 48 -23.83 -15.31 -3.02
CA LEU B 48 -24.00 -14.33 -4.08
C LEU B 48 -25.44 -14.33 -4.60
N LYS B 49 -26.06 -15.51 -4.64
CA LYS B 49 -27.38 -15.62 -5.25
C LYS B 49 -28.49 -15.28 -4.26
N ASN B 50 -28.44 -15.86 -3.05
CA ASN B 50 -29.56 -15.76 -2.12
C ASN B 50 -29.42 -14.62 -1.13
N TYR B 51 -28.25 -14.03 -1.02
CA TYR B 51 -28.07 -12.91 -0.11
C TYR B 51 -27.75 -11.61 -0.84
N ALA B 52 -26.89 -11.65 -1.85
CA ALA B 52 -26.45 -10.43 -2.50
C ALA B 52 -27.33 -10.05 -3.70
N GLY B 53 -28.01 -11.01 -4.32
CA GLY B 53 -28.89 -10.71 -5.43
C GLY B 53 -28.41 -11.10 -6.83
N ARG B 54 -27.28 -11.79 -6.96
CA ARG B 54 -26.81 -12.19 -8.30
C ARG B 54 -27.74 -13.24 -8.91
N PRO B 55 -27.77 -13.35 -10.25
CA PRO B 55 -27.09 -12.47 -11.22
C PRO B 55 -27.80 -11.14 -11.32
N THR B 56 -27.06 -10.06 -11.59
CA THR B 56 -27.64 -8.75 -11.78
C THR B 56 -28.14 -8.61 -13.21
N ALA B 57 -29.13 -7.76 -13.41
CA ALA B 57 -29.69 -7.54 -14.74
C ALA B 57 -28.64 -6.96 -15.72
N LEU B 58 -28.92 -7.13 -17.01
CA LEU B 58 -28.22 -6.43 -18.08
C LEU B 58 -29.26 -5.60 -18.83
N THR B 59 -29.26 -4.29 -18.61
CA THR B 59 -30.31 -3.41 -19.11
C THR B 59 -29.93 -2.75 -20.44
N LYS B 60 -30.80 -2.88 -21.44
CA LYS B 60 -30.66 -2.14 -22.69
C LYS B 60 -31.22 -0.74 -22.50
N CYS B 61 -30.40 0.27 -22.73
CA CYS B 61 -30.92 1.63 -22.66
C CYS B 61 -31.83 1.89 -23.84
N GLN B 62 -33.02 2.44 -23.56
CA GLN B 62 -34.02 2.66 -24.59
C GLN B 62 -33.83 4.00 -25.28
N ASN B 63 -33.74 5.06 -24.49
CA ASN B 63 -33.80 6.44 -24.92
C ASN B 63 -32.45 7.08 -25.12
N ILE B 64 -31.43 6.65 -24.38
CA ILE B 64 -30.20 7.41 -24.31
C ILE B 64 -29.48 7.39 -25.66
N THR B 65 -29.62 6.33 -26.45
CA THR B 65 -28.89 6.24 -27.70
C THR B 65 -29.68 6.76 -28.90
N ALA B 66 -30.90 7.24 -28.69
CA ALA B 66 -31.78 7.64 -29.79
C ALA B 66 -31.06 8.58 -30.76
N GLY B 67 -31.20 8.32 -32.05
CA GLY B 67 -30.53 9.15 -33.03
C GLY B 67 -29.10 8.75 -33.34
N THR B 68 -28.64 7.59 -32.87
CA THR B 68 -27.33 7.09 -33.23
C THR B 68 -27.46 5.63 -33.62
N ARG B 69 -26.34 5.03 -34.03
CA ARG B 69 -26.29 3.59 -34.26
C ARG B 69 -25.55 2.85 -33.14
N THR B 70 -25.51 3.44 -31.95
CA THR B 70 -24.95 2.77 -30.78
C THR B 70 -26.07 2.01 -30.04
N THR B 71 -25.80 0.75 -29.71
CA THR B 71 -26.65 0.01 -28.78
C THR B 71 -25.90 -0.09 -27.45
N LEU B 72 -26.52 0.38 -26.38
CA LEU B 72 -25.86 0.50 -25.08
C LEU B 72 -26.57 -0.39 -24.07
N TYR B 73 -25.77 -1.23 -23.38
CA TYR B 73 -26.24 -2.07 -22.29
C TYR B 73 -25.51 -1.66 -21.01
N LEU B 74 -26.23 -1.74 -19.88
CA LEU B 74 -25.66 -1.49 -18.57
C LEU B 74 -25.72 -2.76 -17.76
N LYS B 75 -24.55 -3.25 -17.32
CA LYS B 75 -24.46 -4.29 -16.31
C LYS B 75 -24.81 -3.66 -14.96
N ARG B 76 -25.84 -4.19 -14.31
CA ARG B 76 -26.51 -3.48 -13.21
C ARG B 76 -25.98 -3.91 -11.85
N GLU B 77 -24.71 -3.61 -11.59
CA GLU B 77 -24.19 -3.90 -10.25
C GLU B 77 -24.73 -2.92 -9.22
N ASP B 78 -25.44 -1.89 -9.66
CA ASP B 78 -26.14 -1.01 -8.73
C ASP B 78 -27.28 -1.76 -8.05
N LEU B 79 -27.73 -2.85 -8.63
CA LEU B 79 -28.82 -3.60 -8.05
C LEU B 79 -28.35 -4.61 -6.99
N LEU B 80 -27.05 -4.70 -6.79
CA LEU B 80 -26.45 -5.62 -5.82
C LEU B 80 -26.70 -5.12 -4.42
N HIS B 81 -26.93 -6.05 -3.49
CA HIS B 81 -26.99 -5.70 -2.08
C HIS B 81 -25.80 -4.85 -1.68
N GLY B 82 -26.10 -3.72 -1.02
CA GLY B 82 -25.12 -2.71 -0.74
C GLY B 82 -25.03 -1.60 -1.78
N GLY B 83 -25.58 -1.80 -2.97
CA GLY B 83 -25.55 -0.77 -3.98
C GLY B 83 -24.29 -0.67 -4.80
N ALA B 84 -23.32 -1.55 -4.60
CA ALA B 84 -22.10 -1.48 -5.39
C ALA B 84 -21.49 -2.86 -5.52
N HIS B 85 -20.70 -3.01 -6.59
CA HIS B 85 -20.02 -4.26 -6.91
C HIS B 85 -19.09 -4.75 -5.79
N1 LLP B 86 -17.50 2.32 -8.59
C2 LLP B 86 -18.18 2.15 -7.41
C2' LLP B 86 -19.70 2.22 -7.39
C3 LLP B 86 -17.47 1.90 -6.25
O3 LLP B 86 -18.14 1.73 -5.08
C4 LLP B 86 -16.07 1.82 -6.27
C4' LLP B 86 -15.36 1.26 -5.07
C5 LLP B 86 -15.39 2.01 -7.47
C6 LLP B 86 -16.13 2.23 -8.61
C5' LLP B 86 -13.88 1.97 -7.61
OP4 LLP B 86 -13.30 0.81 -7.10
P LLP B 86 -12.58 -0.21 -8.09
OP1 LLP B 86 -11.70 -1.17 -7.30
OP2 LLP B 86 -11.77 0.55 -9.08
OP3 LLP B 86 -13.60 -1.02 -8.81
N LLP B 86 -18.72 -3.88 -4.84
CA LLP B 86 -17.79 -4.26 -3.79
CB LLP B 86 -17.60 -3.11 -2.79
CG LLP B 86 -16.76 -1.98 -3.36
CD LLP B 86 -16.47 -0.89 -2.34
CE LLP B 86 -15.55 0.16 -2.95
NZ LLP B 86 -16.28 0.92 -4.03
C LLP B 86 -18.27 -5.48 -3.04
O LLP B 86 -17.46 -6.27 -2.51
N THR B 87 -19.58 -5.68 -3.01
CA THR B 87 -20.15 -6.73 -2.17
C THR B 87 -19.64 -8.12 -2.58
N ASN B 88 -19.49 -8.34 -3.91
CA ASN B 88 -19.05 -9.66 -4.41
C ASN B 88 -17.79 -10.13 -3.69
N GLN B 89 -16.76 -9.29 -3.69
CA GLN B 89 -15.44 -9.75 -3.25
C GLN B 89 -15.34 -9.83 -1.73
N VAL B 90 -16.06 -8.97 -0.99
CA VAL B 90 -15.93 -9.05 0.46
C VAL B 90 -16.61 -10.32 0.97
N LEU B 91 -17.70 -10.77 0.33
CA LEU B 91 -18.28 -12.04 0.73
C LEU B 91 -17.26 -13.17 0.53
N GLY B 92 -16.48 -13.11 -0.56
CA GLY B 92 -15.47 -14.14 -0.82
C GLY B 92 -14.32 -14.09 0.17
N GLN B 93 -13.82 -12.90 0.46
CA GLN B 93 -12.72 -12.75 1.40
C GLN B 93 -13.13 -13.17 2.82
N ALA B 94 -14.40 -12.97 3.18
CA ALA B 94 -14.86 -13.37 4.50
C ALA B 94 -15.00 -14.89 4.61
N LEU B 95 -15.47 -15.56 3.55
CA LEU B 95 -15.45 -17.02 3.54
C LEU B 95 -14.02 -17.54 3.60
N LEU B 96 -13.11 -16.89 2.87
CA LEU B 96 -11.69 -17.23 2.93
C LEU B 96 -11.18 -17.13 4.35
N ALA B 97 -11.47 -16.01 5.03
CA ALA B 97 -11.06 -15.84 6.42
C ALA B 97 -11.52 -17.01 7.28
N LYS B 98 -12.83 -17.31 7.25
CA LYS B 98 -13.36 -18.44 8.03
C LYS B 98 -12.66 -19.74 7.66
N ARG B 99 -12.44 -19.98 6.38
CA ARG B 99 -11.71 -21.15 5.93
C ARG B 99 -10.31 -21.18 6.52
N MET B 100 -9.73 -20.03 6.84
CA MET B 100 -8.42 -20.05 7.48
C MET B 100 -8.52 -20.18 8.99
N GLY B 101 -9.74 -20.22 9.52
CA GLY B 101 -9.91 -20.23 10.95
C GLY B 101 -9.74 -18.88 11.61
N LYS B 102 -9.80 -17.80 10.84
CA LYS B 102 -9.68 -16.46 11.41
C LYS B 102 -11.02 -16.01 11.97
N SER B 103 -10.96 -15.13 12.95
CA SER B 103 -12.17 -14.66 13.61
C SER B 103 -12.34 -13.17 13.53
N GLU B 104 -11.37 -12.45 13.00
CA GLU B 104 -11.42 -10.99 12.98
C GLU B 104 -11.09 -10.51 11.58
N ILE B 105 -11.64 -9.35 11.24
CA ILE B 105 -11.51 -8.76 9.92
C ILE B 105 -10.97 -7.36 10.12
N ILE B 106 -9.96 -6.99 9.33
CA ILE B 106 -9.45 -5.63 9.28
C ILE B 106 -9.67 -5.06 7.88
N ALA B 107 -10.06 -3.80 7.81
CA ALA B 107 -10.28 -3.18 6.53
C ALA B 107 -9.98 -1.70 6.64
N GLU B 108 -9.73 -1.11 5.48
CA GLU B 108 -9.47 0.31 5.31
C GLU B 108 -10.56 0.86 4.42
N THR B 109 -10.97 2.11 4.65
CA THR B 109 -11.92 2.71 3.73
C THR B 109 -11.70 4.21 3.65
N GLY B 110 -12.08 4.78 2.51
CA GLY B 110 -12.01 6.22 2.36
C GLY B 110 -13.37 6.86 2.19
N ALA B 111 -14.00 6.62 1.04
CA ALA B 111 -15.37 7.08 0.83
C ALA B 111 -16.34 6.43 1.80
N GLY B 112 -16.00 5.24 2.31
CA GLY B 112 -16.85 4.51 3.23
C GLY B 112 -17.54 3.31 2.62
N GLN B 113 -17.53 3.18 1.28
CA GLN B 113 -18.24 2.07 0.68
C GLN B 113 -17.55 0.74 0.95
N HIS B 114 -16.23 0.70 0.98
CA HIS B 114 -15.58 -0.57 1.33
C HIS B 114 -15.77 -0.91 2.80
N GLY B 115 -15.82 0.11 3.65
CA GLY B 115 -16.08 -0.14 5.06
C GLY B 115 -17.45 -0.75 5.28
N VAL B 116 -18.46 -0.23 4.60
CA VAL B 116 -19.82 -0.73 4.74
C VAL B 116 -19.91 -2.16 4.22
N ALA B 117 -19.33 -2.42 3.04
CA ALA B 117 -19.33 -3.78 2.50
C ALA B 117 -18.64 -4.74 3.46
N SER B 118 -17.50 -4.35 4.03
CA SER B 118 -16.80 -5.22 4.96
C SER B 118 -17.60 -5.45 6.22
N ALA B 119 -18.32 -4.42 6.69
CA ALA B 119 -19.09 -4.56 7.92
C ALA B 119 -20.29 -5.47 7.71
N LEU B 120 -20.91 -5.41 6.52
CA LEU B 120 -22.07 -6.26 6.28
C LEU B 120 -21.66 -7.73 6.12
N ALA B 121 -20.55 -8.00 5.41
CA ALA B 121 -20.12 -9.40 5.30
C ALA B 121 -19.71 -9.95 6.67
N SER B 122 -19.13 -9.08 7.50
CA SER B 122 -18.64 -9.49 8.80
C SER B 122 -19.80 -9.82 9.73
N ALA B 123 -20.90 -9.05 9.62
CA ALA B 123 -22.09 -9.30 10.42
C ALA B 123 -22.76 -10.60 9.98
N LEU B 124 -22.88 -10.80 8.67
CA LEU B 124 -23.55 -11.99 8.18
C LEU B 124 -22.85 -13.25 8.68
N LEU B 125 -21.51 -13.26 8.66
CA LEU B 125 -20.73 -14.49 8.80
C LEU B 125 -20.11 -14.68 10.17
N GLY B 126 -20.36 -13.77 11.11
CA GLY B 126 -19.93 -13.96 12.47
C GLY B 126 -18.49 -13.59 12.74
N LEU B 127 -17.96 -12.60 12.03
CA LEU B 127 -16.61 -12.12 12.23
C LEU B 127 -16.65 -10.78 12.97
N LYS B 128 -15.71 -10.61 13.91
CA LYS B 128 -15.47 -9.29 14.46
C LYS B 128 -14.73 -8.44 13.44
N CYS B 129 -15.15 -7.20 13.31
CA CYS B 129 -14.68 -6.34 12.22
C CYS B 129 -14.21 -5.03 12.81
N ARG B 130 -12.97 -4.64 12.51
CA ARG B 130 -12.49 -3.30 12.84
C ARG B 130 -12.02 -2.60 11.58
N ILE B 131 -12.42 -1.36 11.44
CA ILE B 131 -12.23 -0.61 10.20
C ILE B 131 -11.43 0.63 10.52
N TYR B 132 -10.41 0.90 9.72
CA TYR B 132 -9.62 2.11 9.81
C TYR B 132 -10.06 3.12 8.76
N MET B 133 -10.17 4.37 9.18
CA MET B 133 -10.64 5.44 8.30
C MET B 133 -9.85 6.71 8.56
N GLY B 134 -9.48 7.40 7.47
CA GLY B 134 -8.81 8.68 7.62
C GLY B 134 -9.78 9.72 8.19
N ALA B 135 -9.39 10.35 9.31
CA ALA B 135 -10.28 11.28 10.00
C ALA B 135 -10.89 12.34 9.09
N LYS B 136 -10.14 12.80 8.07
CA LYS B 136 -10.72 13.68 7.06
C LYS B 136 -11.91 12.99 6.38
N ASP B 137 -11.70 11.75 5.95
CA ASP B 137 -12.78 10.99 5.35
C ASP B 137 -13.87 10.66 6.36
N VAL B 138 -13.54 10.58 7.65
CA VAL B 138 -14.52 10.12 8.64
C VAL B 138 -15.71 11.08 8.70
N GLU B 139 -15.43 12.37 8.94
CA GLU B 139 -16.52 13.33 9.10
C GLU B 139 -17.10 13.75 7.76
N ARG B 140 -16.29 13.69 6.70
CA ARG B 140 -16.85 13.87 5.37
C ARG B 140 -17.84 12.75 4.99
N GLN B 141 -17.86 11.63 5.72
CA GLN B 141 -18.73 10.50 5.36
C GLN B 141 -19.38 9.91 6.62
N SER B 142 -19.88 10.76 7.52
CA SER B 142 -20.55 10.25 8.71
C SER B 142 -21.80 9.40 8.44
N PRO B 143 -22.54 9.53 7.33
CA PRO B 143 -23.57 8.52 7.05
C PRO B 143 -22.99 7.12 7.00
N ASN B 144 -21.98 6.91 6.16
CA ASN B 144 -21.38 5.58 6.06
C ASN B 144 -20.78 5.11 7.39
N VAL B 145 -20.23 6.02 8.21
CA VAL B 145 -19.70 5.60 9.51
C VAL B 145 -20.82 5.08 10.40
N PHE B 146 -21.98 5.75 10.39
CA PHE B 146 -23.10 5.29 11.20
C PHE B 146 -23.58 3.93 10.71
N ARG B 147 -23.63 3.72 9.39
CA ARG B 147 -23.95 2.41 8.85
C ARG B 147 -23.04 1.32 9.42
N MET B 148 -21.72 1.54 9.31
CA MET B 148 -20.77 0.55 9.81
C MET B 148 -21.00 0.25 11.28
N ARG B 149 -21.19 1.29 12.09
CA ARG B 149 -21.49 1.08 13.50
C ARG B 149 -22.79 0.31 13.69
N LEU B 150 -23.84 0.65 12.92
CA LEU B 150 -25.10 -0.10 13.02
C LEU B 150 -24.87 -1.58 12.76
N MET B 151 -23.97 -1.91 11.84
CA MET B 151 -23.68 -3.31 11.54
C MET B 151 -22.68 -3.93 12.49
N GLY B 152 -22.31 -3.22 13.56
CA GLY B 152 -21.49 -3.80 14.58
C GLY B 152 -20.00 -3.63 14.40
N ALA B 153 -19.54 -3.00 13.33
CA ALA B 153 -18.11 -2.88 13.12
C ALA B 153 -17.52 -1.79 14.00
N GLU B 154 -16.24 -1.93 14.34
CA GLU B 154 -15.50 -0.91 15.07
C GLU B 154 -14.82 0.00 14.05
N VAL B 155 -15.03 1.31 14.17
CA VAL B 155 -14.46 2.28 13.25
C VAL B 155 -13.38 3.07 13.97
N ILE B 156 -12.17 3.09 13.41
CA ILE B 156 -10.99 3.66 14.03
C ILE B 156 -10.44 4.77 13.13
N PRO B 157 -10.38 6.02 13.58
CA PRO B 157 -9.93 7.11 12.69
C PRO B 157 -8.41 7.23 12.62
N VAL B 158 -7.93 7.66 11.46
CA VAL B 158 -6.50 7.83 11.18
C VAL B 158 -6.25 9.31 10.92
N HIS B 159 -5.36 9.90 11.71
CA HIS B 159 -4.93 11.29 11.53
C HIS B 159 -3.52 11.40 10.96
N SER B 160 -2.71 10.37 11.16
CA SER B 160 -1.37 10.26 10.58
C SER B 160 -1.35 10.65 9.11
N GLY B 161 -0.29 11.35 8.71
CA GLY B 161 -0.14 11.70 7.30
C GLY B 161 -1.25 12.64 6.88
N SER B 162 -1.75 12.46 5.66
CA SER B 162 -2.86 13.30 5.19
C SER B 162 -4.22 12.86 5.69
N ALA B 163 -4.29 11.83 6.55
CA ALA B 163 -5.53 11.32 7.13
C ALA B 163 -6.57 11.03 6.04
N THR B 164 -6.13 10.31 5.01
CA THR B 164 -7.01 9.88 3.94
C THR B 164 -6.86 8.38 3.76
N LEU B 165 -7.29 7.88 2.60
CA LEU B 165 -7.29 6.45 2.32
C LEU B 165 -5.88 5.89 2.40
N LYS B 166 -4.90 6.56 1.77
CA LYS B 166 -3.56 5.97 1.71
C LYS B 166 -2.95 5.84 3.12
N ASP B 167 -3.28 6.77 4.03
CA ASP B 167 -2.85 6.65 5.41
C ASP B 167 -3.71 5.70 6.19
N ALA B 168 -4.89 5.36 5.65
CA ALA B 168 -5.66 4.25 6.21
C ALA B 168 -5.08 2.91 5.77
N CYS B 169 -4.73 2.78 4.49
CA CYS B 169 -4.08 1.55 4.03
C CYS B 169 -2.85 1.21 4.87
N ASN B 170 -2.17 2.22 5.45
CA ASN B 170 -0.93 1.96 6.20
C ASN B 170 -1.18 1.43 7.60
N GLU B 171 -2.21 1.94 8.29
CA GLU B 171 -2.40 1.53 9.68
C GLU B 171 -3.07 0.18 9.78
N ALA B 172 -3.87 -0.19 8.78
CA ALA B 172 -4.42 -1.54 8.76
C ALA B 172 -3.30 -2.56 8.63
N LEU B 173 -2.33 -2.29 7.76
CA LEU B 173 -1.21 -3.20 7.60
C LEU B 173 -0.39 -3.37 8.88
N ARG B 174 -0.12 -2.29 9.61
CA ARG B 174 0.60 -2.49 10.87
C ARG B 174 -0.20 -3.32 11.87
N ASP B 175 -1.52 -3.09 11.94
CA ASP B 175 -2.36 -3.94 12.76
C ASP B 175 -2.19 -5.41 12.37
N TRP B 176 -2.30 -5.71 11.07
CA TRP B 176 -2.27 -7.10 10.60
C TRP B 176 -0.93 -7.79 10.89
N SER B 177 0.18 -7.06 10.80
CA SER B 177 1.48 -7.67 11.06
C SER B 177 1.56 -8.25 12.47
N GLY B 178 0.86 -7.63 13.42
CA GLY B 178 0.76 -8.20 14.76
C GLY B 178 -0.37 -9.20 14.96
N SER B 179 -1.46 -9.10 14.20
CA SER B 179 -2.65 -9.88 14.53
C SER B 179 -3.00 -10.97 13.51
N TYR B 180 -2.14 -11.24 12.53
CA TYR B 180 -2.57 -12.09 11.41
C TYR B 180 -2.84 -13.54 11.80
N GLU B 181 -2.43 -13.99 13.00
CA GLU B 181 -2.84 -15.32 13.45
C GLU B 181 -4.36 -15.44 13.51
N THR B 182 -5.03 -14.46 14.11
CA THR B 182 -6.47 -14.49 14.32
C THR B 182 -7.27 -13.62 13.35
N ALA B 183 -6.62 -12.70 12.62
CA ALA B 183 -7.31 -11.66 11.88
C ALA B 183 -6.93 -11.71 10.40
N HIS B 184 -7.88 -11.30 9.55
CA HIS B 184 -7.69 -11.25 8.10
C HIS B 184 -7.82 -9.81 7.60
N TYR B 185 -6.90 -9.42 6.72
CA TYR B 185 -6.92 -8.07 6.15
C TYR B 185 -7.77 -8.11 4.87
N MET B 186 -8.95 -7.47 4.90
CA MET B 186 -9.85 -7.47 3.74
C MET B 186 -9.55 -6.24 2.89
N LEU B 187 -8.53 -6.37 2.04
CA LEU B 187 -8.15 -5.30 1.13
C LEU B 187 -9.28 -5.01 0.13
N GLY B 188 -9.51 -3.73 -0.15
CA GLY B 188 -10.70 -3.29 -0.84
C GLY B 188 -10.64 -3.14 -2.36
N THR B 189 -9.54 -3.46 -3.03
CA THR B 189 -9.48 -3.30 -4.48
C THR B 189 -8.44 -4.25 -5.06
N ALA B 190 -8.33 -4.27 -6.39
CA ALA B 190 -7.48 -5.26 -7.05
C ALA B 190 -6.05 -4.74 -7.19
N ALA B 191 -5.47 -4.36 -6.05
CA ALA B 191 -4.13 -3.80 -5.96
C ALA B 191 -3.49 -4.28 -4.65
N GLY B 192 -2.27 -3.81 -4.38
CA GLY B 192 -1.59 -4.23 -3.18
C GLY B 192 -0.66 -5.39 -3.46
N PRO B 193 -0.02 -5.94 -2.43
CA PRO B 193 0.87 -7.09 -2.64
C PRO B 193 0.09 -8.32 -3.08
N HIS B 194 0.76 -9.16 -3.85
CA HIS B 194 0.22 -10.46 -4.17
C HIS B 194 -0.01 -11.24 -2.88
N PRO B 195 -1.07 -12.07 -2.78
CA PRO B 195 -2.02 -12.54 -3.81
C PRO B 195 -3.28 -11.67 -4.02
N TYR B 196 -3.34 -10.48 -3.42
CA TYR B 196 -4.59 -9.72 -3.44
C TYR B 196 -5.05 -9.27 -4.82
N PRO B 197 -4.19 -8.86 -5.76
CA PRO B 197 -4.71 -8.49 -7.10
C PRO B 197 -5.33 -9.67 -7.79
N THR B 198 -4.82 -10.87 -7.53
CA THR B 198 -5.37 -12.10 -8.08
C THR B 198 -6.67 -12.47 -7.40
N ILE B 199 -6.73 -12.37 -6.07
CA ILE B 199 -7.87 -12.85 -5.30
C ILE B 199 -9.11 -12.02 -5.60
N VAL B 200 -8.93 -10.69 -5.63
CA VAL B 200 -10.05 -9.78 -5.86
C VAL B 200 -10.59 -9.91 -7.29
N ARG B 201 -9.71 -10.09 -8.28
CA ARG B 201 -10.18 -10.35 -9.63
C ARG B 201 -11.07 -11.59 -9.67
N GLU B 202 -10.60 -12.69 -9.06
CA GLU B 202 -11.33 -13.95 -9.11
C GLU B 202 -12.64 -13.86 -8.34
N PHE B 203 -12.71 -13.02 -7.32
CA PHE B 203 -13.94 -12.85 -6.59
C PHE B 203 -14.82 -11.75 -7.19
N GLN B 204 -14.38 -11.10 -8.28
CA GLN B 204 -15.19 -10.15 -9.02
C GLN B 204 -15.52 -10.61 -10.43
N ARG B 205 -14.98 -11.75 -10.87
CA ARG B 205 -15.03 -12.06 -12.29
C ARG B 205 -16.42 -12.47 -12.74
N MET B 206 -17.32 -12.86 -11.81
CA MET B 206 -18.67 -13.23 -12.23
C MET B 206 -19.38 -12.09 -12.96
N ILE B 207 -18.93 -10.85 -12.77
CA ILE B 207 -19.51 -9.73 -13.51
C ILE B 207 -19.38 -9.95 -15.02
N GLY B 208 -18.16 -10.25 -15.48
CA GLY B 208 -17.91 -10.47 -16.90
C GLY B 208 -18.43 -11.79 -17.41
N GLU B 209 -18.39 -12.82 -16.56
CA GLU B 209 -19.03 -14.09 -16.92
C GLU B 209 -20.54 -13.90 -17.16
N GLU B 210 -21.23 -13.23 -16.25
CA GLU B 210 -22.67 -13.03 -16.45
C GLU B 210 -22.93 -12.18 -17.68
N THR B 211 -22.24 -11.03 -17.79
CA THR B 211 -22.35 -10.16 -18.96
C THR B 211 -22.18 -10.94 -20.27
N LYS B 212 -21.16 -11.80 -20.33
CA LYS B 212 -20.96 -12.59 -21.55
C LYS B 212 -22.18 -13.44 -21.88
N ALA B 213 -22.66 -14.23 -20.92
CA ALA B 213 -23.83 -15.05 -21.17
C ALA B 213 -25.05 -14.19 -21.48
N GLN B 214 -25.23 -13.09 -20.75
CA GLN B 214 -26.43 -12.29 -20.99
C GLN B 214 -26.39 -11.62 -22.37
N ILE B 215 -25.22 -11.12 -22.79
CA ILE B 215 -25.16 -10.45 -24.08
C ILE B 215 -25.34 -11.45 -25.22
N LEU B 216 -24.76 -12.64 -25.10
CA LEU B 216 -24.96 -13.65 -26.14
C LEU B 216 -26.44 -14.01 -26.24
N ASP B 217 -27.10 -14.17 -25.09
CA ASP B 217 -28.54 -14.46 -25.08
C ASP B 217 -29.35 -13.37 -25.77
N LYS B 218 -29.00 -12.10 -25.56
CA LYS B 218 -29.86 -11.01 -26.01
C LYS B 218 -29.52 -10.50 -27.38
N GLU B 219 -28.23 -10.49 -27.75
CA GLU B 219 -27.81 -9.97 -29.04
C GLU B 219 -27.13 -11.00 -29.92
N GLY B 220 -26.80 -12.18 -29.39
CA GLY B 220 -26.21 -13.23 -30.20
C GLY B 220 -24.80 -12.97 -30.67
N ARG B 221 -24.14 -11.94 -30.14
CA ARG B 221 -22.77 -11.60 -30.48
C ARG B 221 -22.13 -10.95 -29.27
N LEU B 222 -20.80 -11.06 -29.18
CA LEU B 222 -20.06 -10.36 -28.15
C LEU B 222 -20.12 -8.85 -28.38
N PRO B 223 -19.93 -8.05 -27.34
CA PRO B 223 -19.91 -6.60 -27.53
C PRO B 223 -18.67 -6.14 -28.29
N ASP B 224 -18.76 -4.92 -28.86
CA ASP B 224 -17.61 -4.30 -29.49
C ASP B 224 -16.62 -3.76 -28.45
N ALA B 225 -17.14 -3.34 -27.30
CA ALA B 225 -16.31 -2.83 -26.21
C ALA B 225 -17.10 -2.94 -24.93
N VAL B 226 -16.40 -3.26 -23.85
CA VAL B 226 -16.91 -3.16 -22.49
C VAL B 226 -16.10 -2.06 -21.80
N ILE B 227 -16.76 -1.27 -20.97
CA ILE B 227 -16.20 -0.03 -20.46
C ILE B 227 -16.43 0.03 -18.96
N ALA B 228 -15.37 0.35 -18.20
CA ALA B 228 -15.53 0.42 -16.75
C ALA B 228 -14.60 1.48 -16.18
N CYS B 229 -15.04 2.11 -15.10
CA CYS B 229 -14.16 3.05 -14.45
C CYS B 229 -13.14 2.32 -13.61
N VAL B 230 -12.06 3.03 -13.32
CA VAL B 230 -10.87 2.43 -12.77
C VAL B 230 -10.42 3.32 -11.62
N GLY B 231 -10.84 2.99 -10.39
CA GLY B 231 -10.23 3.62 -9.23
C GLY B 231 -9.01 2.82 -8.79
N GLY B 232 -9.24 1.67 -8.15
CA GLY B 232 -8.15 0.73 -7.90
C GLY B 232 -8.09 -0.35 -8.97
N GLY B 233 -9.24 -0.65 -9.61
CA GLY B 233 -9.29 -1.62 -10.69
C GLY B 233 -10.15 -2.85 -10.48
N SER B 234 -10.87 -3.02 -9.35
CA SER B 234 -11.56 -4.29 -9.11
C SER B 234 -12.81 -4.42 -9.98
N ASN B 235 -13.65 -3.37 -10.06
CA ASN B 235 -14.86 -3.56 -10.87
C ASN B 235 -14.48 -3.72 -12.35
N ALA B 236 -13.45 -3.00 -12.79
CA ALA B 236 -13.05 -3.12 -14.19
C ALA B 236 -12.44 -4.47 -14.50
N ILE B 237 -11.55 -4.98 -13.64
CA ILE B 237 -10.94 -6.28 -13.97
C ILE B 237 -11.96 -7.40 -13.82
N GLY B 238 -12.95 -7.23 -12.95
CA GLY B 238 -14.04 -8.20 -12.87
C GLY B 238 -14.88 -8.26 -14.14
N MET B 239 -15.14 -7.09 -14.74
CA MET B 239 -15.78 -7.09 -16.07
C MET B 239 -14.86 -7.64 -17.14
N PHE B 240 -13.55 -7.30 -17.10
CA PHE B 240 -12.63 -7.59 -18.21
C PHE B 240 -12.25 -9.06 -18.30
N ALA B 241 -12.11 -9.73 -17.14
CA ALA B 241 -11.31 -10.96 -17.07
C ALA B 241 -11.82 -11.98 -18.07
N ASP B 242 -13.14 -12.20 -18.12
CA ASP B 242 -13.69 -13.23 -18.99
C ASP B 242 -13.66 -12.88 -20.47
N PHE B 243 -13.28 -11.65 -20.82
CA PHE B 243 -13.21 -11.28 -22.22
C PHE B 243 -11.77 -11.17 -22.70
N ILE B 244 -10.80 -11.36 -21.80
CA ILE B 244 -9.42 -11.04 -22.14
C ILE B 244 -8.97 -11.84 -23.35
N ASN B 245 -9.44 -13.09 -23.46
CA ASN B 245 -9.12 -13.98 -24.58
C ASN B 245 -10.00 -13.79 -25.80
N ASP B 246 -11.11 -13.05 -25.70
CA ASP B 246 -11.93 -12.71 -26.88
C ASP B 246 -11.37 -11.44 -27.48
N THR B 247 -10.30 -11.61 -28.26
CA THR B 247 -9.55 -10.44 -28.68
C THR B 247 -10.36 -9.49 -29.56
N SER B 248 -11.52 -9.88 -30.08
CA SER B 248 -12.32 -8.90 -30.80
C SER B 248 -13.05 -7.92 -29.90
N VAL B 249 -13.05 -8.11 -28.59
CA VAL B 249 -13.78 -7.24 -27.66
C VAL B 249 -12.84 -6.19 -27.10
N GLY B 250 -13.14 -4.93 -27.35
CA GLY B 250 -12.37 -3.85 -26.74
C GLY B 250 -12.55 -3.86 -25.24
N LEU B 251 -11.45 -3.58 -24.53
CA LEU B 251 -11.44 -3.35 -23.10
C LEU B 251 -11.03 -1.89 -22.85
N ILE B 252 -11.90 -1.13 -22.20
CA ILE B 252 -11.70 0.30 -22.02
C ILE B 252 -11.90 0.64 -20.54
N GLY B 253 -10.82 1.06 -19.90
CA GLY B 253 -10.88 1.52 -18.52
C GLY B 253 -10.83 3.03 -18.50
N VAL B 254 -11.56 3.62 -17.58
CA VAL B 254 -11.78 5.06 -17.53
C VAL B 254 -11.33 5.54 -16.17
N GLU B 255 -10.21 6.23 -16.16
CA GLU B 255 -9.62 6.88 -15.02
C GLU B 255 -10.23 8.26 -14.83
N PRO B 256 -10.32 8.74 -13.59
CA PRO B 256 -10.89 10.07 -13.34
C PRO B 256 -9.89 11.15 -13.73
N GLY B 257 -10.33 12.06 -14.61
CA GLY B 257 -9.51 13.20 -15.00
C GLY B 257 -9.65 14.40 -14.10
N GLY B 258 -10.59 14.34 -13.15
CA GLY B 258 -10.78 15.43 -12.20
C GLY B 258 -11.10 16.74 -12.90
N HIS B 259 -10.34 17.78 -12.53
CA HIS B 259 -10.49 19.07 -13.18
C HIS B 259 -9.77 19.14 -14.52
N GLY B 260 -9.14 18.05 -14.95
CA GLY B 260 -8.44 18.06 -16.22
C GLY B 260 -6.99 17.64 -16.04
N ILE B 261 -6.50 16.78 -16.95
CA ILE B 261 -5.15 16.24 -16.84
C ILE B 261 -4.15 17.36 -16.69
N GLU B 262 -4.25 18.37 -17.57
CA GLU B 262 -3.31 19.48 -17.60
C GLU B 262 -3.34 20.31 -16.33
N THR B 263 -4.35 20.18 -15.49
CA THR B 263 -4.37 20.89 -14.22
C THR B 263 -3.58 20.19 -13.12
N GLY B 264 -3.13 18.96 -13.35
CA GLY B 264 -2.51 18.19 -12.30
C GLY B 264 -3.45 17.69 -11.22
N GLU B 265 -4.72 18.09 -11.23
CA GLU B 265 -5.67 17.63 -10.22
C GLU B 265 -6.55 16.55 -10.87
N HIS B 266 -6.04 15.30 -10.83
CA HIS B 266 -6.75 14.18 -11.41
C HIS B 266 -6.49 12.94 -10.57
N GLY B 267 -7.00 11.81 -11.04
CA GLY B 267 -6.70 10.54 -10.43
C GLY B 267 -6.39 9.52 -11.48
N ALA B 268 -5.51 9.87 -12.44
CA ALA B 268 -5.22 9.01 -13.59
C ALA B 268 -3.76 8.58 -13.60
N PRO B 269 -3.35 7.77 -12.62
CA PRO B 269 -1.94 7.34 -12.59
C PRO B 269 -1.55 6.45 -13.75
N LEU B 270 -2.47 5.68 -14.31
CA LEU B 270 -2.08 4.68 -15.28
C LEU B 270 -1.53 5.33 -16.54
N LYS B 271 -2.18 6.39 -17.04
CA LYS B 271 -1.71 7.08 -18.23
C LYS B 271 -0.93 8.35 -17.94
N HIS B 272 -0.99 8.88 -16.73
CA HIS B 272 -0.38 10.18 -16.44
C HIS B 272 0.41 10.14 -15.14
N GLY B 273 0.71 8.94 -14.63
CA GLY B 273 1.57 8.77 -13.49
C GLY B 273 2.88 8.11 -13.90
N ARG B 274 3.58 7.58 -12.91
CA ARG B 274 4.89 7.01 -13.21
C ARG B 274 5.16 5.85 -12.27
N VAL B 275 5.73 4.78 -12.82
CA VAL B 275 5.95 3.56 -12.07
C VAL B 275 6.76 3.85 -10.81
N GLY B 276 6.30 3.30 -9.69
CA GLY B 276 7.00 3.33 -8.42
C GLY B 276 6.63 2.12 -7.59
N ILE B 277 7.05 2.10 -6.33
CA ILE B 277 6.80 0.97 -5.45
C ILE B 277 6.13 1.52 -4.20
N TYR B 278 4.85 1.21 -4.04
CA TYR B 278 4.15 1.62 -2.83
C TYR B 278 2.98 0.66 -2.61
N PHE B 279 2.60 0.50 -1.34
CA PHE B 279 1.47 -0.34 -0.97
C PHE B 279 1.70 -1.78 -1.42
N GLY B 280 2.94 -2.24 -1.35
CA GLY B 280 3.21 -3.65 -1.61
C GLY B 280 3.28 -4.06 -3.07
N MET B 281 3.28 -3.12 -4.00
CA MET B 281 3.27 -3.44 -5.42
C MET B 281 4.14 -2.48 -6.22
N LYS B 282 4.60 -2.96 -7.37
CA LYS B 282 5.20 -2.12 -8.40
C LYS B 282 4.13 -1.77 -9.44
N ALA B 283 3.85 -0.48 -9.60
CA ALA B 283 2.70 -0.05 -10.40
C ALA B 283 2.83 1.44 -10.71
N PRO B 284 2.10 1.94 -11.72
CA PRO B 284 1.98 3.40 -11.93
C PRO B 284 1.33 4.09 -10.76
N MET B 285 1.79 5.31 -10.46
CA MET B 285 1.22 5.98 -9.29
C MET B 285 1.37 7.49 -9.39
N MET B 286 0.57 8.17 -8.58
CA MET B 286 0.64 9.62 -8.43
C MET B 286 1.80 9.95 -7.50
N GLN B 287 2.91 10.47 -8.03
CA GLN B 287 4.03 10.76 -7.17
C GLN B 287 4.74 12.06 -7.57
N THR B 288 5.42 12.67 -6.59
CA THR B 288 6.19 13.87 -6.89
C THR B 288 7.49 13.49 -7.59
N ALA B 289 8.21 14.50 -8.08
CA ALA B 289 9.48 14.19 -8.73
C ALA B 289 10.52 13.66 -7.74
N ASP B 290 10.38 13.98 -6.46
CA ASP B 290 11.21 13.38 -5.43
C ASP B 290 10.83 11.94 -5.11
N GLY B 291 9.64 11.51 -5.53
CA GLY B 291 9.16 10.19 -5.23
C GLY B 291 8.26 10.11 -4.03
N GLN B 292 7.73 11.23 -3.54
CA GLN B 292 6.68 11.12 -2.56
C GLN B 292 5.37 10.78 -3.28
N ILE B 293 4.41 10.25 -2.54
CA ILE B 293 3.16 9.78 -3.14
C ILE B 293 2.06 10.79 -2.85
N GLU B 294 1.47 11.32 -3.91
CA GLU B 294 0.43 12.34 -3.84
C GLU B 294 -0.97 11.72 -3.76
N GLU B 295 -1.95 12.57 -3.54
CA GLU B 295 -3.32 12.08 -3.56
C GLU B 295 -3.87 12.17 -4.98
N SER B 296 -4.77 11.24 -5.29
CA SER B 296 -5.66 11.45 -6.42
C SER B 296 -6.56 12.64 -6.14
N TYR B 297 -7.15 13.17 -7.20
CA TYR B 297 -8.35 13.97 -7.05
C TYR B 297 -9.40 13.46 -8.03
N SER B 298 -10.63 13.33 -7.53
CA SER B 298 -11.78 13.15 -8.39
C SER B 298 -13.02 13.59 -7.63
N ILE B 299 -14.04 14.05 -8.37
CA ILE B 299 -15.26 14.45 -7.68
C ILE B 299 -15.90 13.26 -7.02
N SER B 300 -15.68 12.05 -7.56
CA SER B 300 -16.15 10.80 -6.97
C SER B 300 -15.10 10.27 -6.00
N ALA B 301 -15.46 10.22 -4.73
CA ALA B 301 -14.53 9.75 -3.72
C ALA B 301 -14.11 8.31 -3.94
N GLY B 302 -14.91 7.53 -4.67
CA GLY B 302 -14.55 6.13 -4.80
C GLY B 302 -13.43 5.84 -5.76
N LEU B 303 -12.99 6.83 -6.53
CA LEU B 303 -11.88 6.68 -7.45
C LEU B 303 -10.63 7.41 -6.96
N ASP B 304 -10.50 7.55 -5.64
N ASP B 304 -10.51 7.64 -5.66
CA ASP B 304 -9.48 8.34 -4.94
CA ASP B 304 -9.40 8.43 -5.12
C ASP B 304 -8.14 7.62 -4.77
C ASP B 304 -8.21 7.57 -4.68
N PHE B 305 -7.96 6.46 -5.36
CA PHE B 305 -6.77 5.65 -5.08
C PHE B 305 -5.60 6.11 -5.94
N PRO B 306 -4.49 6.56 -5.35
CA PRO B 306 -3.42 7.21 -6.13
C PRO B 306 -2.57 6.26 -6.95
N SER B 307 -2.93 4.99 -7.03
CA SER B 307 -2.27 4.03 -7.92
C SER B 307 -3.35 3.28 -8.68
N VAL B 308 -3.00 2.10 -9.21
CA VAL B 308 -3.91 1.28 -9.99
C VAL B 308 -3.43 -0.16 -9.90
N GLY B 309 -4.38 -1.10 -9.92
CA GLY B 309 -4.00 -2.50 -9.91
C GLY B 309 -2.96 -2.84 -10.97
N PRO B 310 -2.03 -3.74 -10.63
CA PRO B 310 -0.92 -4.05 -11.54
C PRO B 310 -1.37 -4.77 -12.82
N GLN B 311 -2.37 -5.63 -12.75
CA GLN B 311 -2.83 -6.29 -13.98
C GLN B 311 -3.35 -5.27 -15.01
N HIS B 312 -3.93 -4.15 -14.57
CA HIS B 312 -4.34 -3.11 -15.52
C HIS B 312 -3.13 -2.48 -16.20
N ALA B 313 -2.08 -2.19 -15.41
CA ALA B 313 -0.84 -1.67 -15.99
C ALA B 313 -0.27 -2.65 -16.99
N TYR B 314 -0.34 -3.94 -16.69
CA TYR B 314 0.13 -4.96 -17.64
C TYR B 314 -0.70 -4.95 -18.91
N LEU B 315 -2.03 -5.00 -18.79
CA LEU B 315 -2.88 -5.06 -19.97
C LEU B 315 -2.68 -3.84 -20.86
N ASN B 316 -2.46 -2.66 -20.25
CA ASN B 316 -2.16 -1.48 -21.04
C ASN B 316 -0.86 -1.65 -21.82
N SER B 317 0.19 -2.09 -21.14
N SER B 317 0.19 -2.10 -21.14
CA SER B 317 1.52 -2.12 -21.77
CA SER B 317 1.51 -2.12 -21.75
C SER B 317 1.53 -3.03 -22.98
C SER B 317 1.54 -3.04 -22.97
N ILE B 318 0.83 -4.16 -22.92
CA ILE B 318 0.76 -5.05 -24.09
C ILE B 318 -0.31 -4.62 -25.09
N GLY B 319 -1.04 -3.55 -24.80
CA GLY B 319 -2.03 -3.07 -25.73
C GLY B 319 -3.31 -3.87 -25.80
N ARG B 320 -3.57 -4.77 -24.84
CA ARG B 320 -4.83 -5.52 -24.84
C ARG B 320 -6.00 -4.65 -24.38
N ALA B 321 -5.75 -3.72 -23.48
CA ALA B 321 -6.78 -2.82 -23.00
C ALA B 321 -6.33 -1.37 -23.23
N ASP B 322 -7.32 -0.49 -23.40
CA ASP B 322 -7.07 0.93 -23.58
C ASP B 322 -7.64 1.69 -22.39
N TYR B 323 -6.91 2.71 -21.94
CA TYR B 323 -7.28 3.47 -20.77
C TYR B 323 -7.40 4.94 -21.17
N VAL B 324 -8.53 5.55 -20.78
CA VAL B 324 -8.83 6.94 -21.08
C VAL B 324 -9.22 7.62 -19.78
N SER B 325 -9.37 8.94 -19.85
CA SER B 325 -9.83 9.71 -18.71
C SER B 325 -11.05 10.53 -19.09
N ILE B 326 -11.85 10.83 -18.06
CA ILE B 326 -13.10 11.57 -18.16
C ILE B 326 -13.07 12.57 -17.01
N THR B 327 -13.39 13.83 -17.28
CA THR B 327 -13.31 14.88 -16.26
C THR B 327 -14.54 14.86 -15.36
N ASP B 328 -14.43 15.58 -14.22
CA ASP B 328 -15.57 15.81 -13.35
C ASP B 328 -16.81 16.22 -14.15
N ASP B 329 -16.67 17.26 -15.01
CA ASP B 329 -17.83 17.81 -15.71
C ASP B 329 -18.46 16.78 -16.65
N GLU B 330 -17.62 16.06 -17.39
CA GLU B 330 -18.13 15.00 -18.24
C GLU B 330 -18.91 13.97 -17.43
N ALA B 331 -18.36 13.51 -16.29
CA ALA B 331 -19.08 12.54 -15.48
C ALA B 331 -20.39 13.12 -14.92
N LEU B 332 -20.40 14.40 -14.51
CA LEU B 332 -21.65 15.02 -14.03
C LEU B 332 -22.73 14.99 -15.11
N GLU B 333 -22.37 15.38 -16.34
CA GLU B 333 -23.32 15.38 -17.43
C GLU B 333 -23.89 13.99 -17.66
N ALA B 334 -23.02 12.96 -17.61
CA ALA B 334 -23.51 11.60 -17.81
C ALA B 334 -24.44 11.18 -16.70
N PHE B 335 -24.14 11.60 -15.47
CA PHE B 335 -25.03 11.35 -14.34
C PHE B 335 -26.43 11.90 -14.61
N LYS B 336 -26.50 13.17 -15.01
CA LYS B 336 -27.79 13.80 -15.28
C LYS B 336 -28.50 13.11 -16.43
N THR B 337 -27.76 12.72 -17.46
CA THR B 337 -28.41 12.17 -18.64
C THR B 337 -29.05 10.81 -18.34
N LEU B 338 -28.37 9.98 -17.53
CA LEU B 338 -28.94 8.67 -17.17
C LEU B 338 -30.20 8.81 -16.32
N CYS B 339 -30.21 9.74 -15.35
CA CYS B 339 -31.44 9.96 -14.59
C CYS B 339 -32.60 10.38 -15.48
N ARG B 340 -32.35 11.30 -16.40
CA ARG B 340 -33.49 11.92 -17.09
C ARG B 340 -34.02 11.02 -18.20
N HIS B 341 -33.16 10.20 -18.79
CA HIS B 341 -33.57 9.41 -19.95
C HIS B 341 -33.81 7.95 -19.62
N GLU B 342 -33.29 7.44 -18.51
CA GLU B 342 -33.50 6.04 -18.17
C GLU B 342 -34.05 5.82 -16.78
N GLY B 343 -34.21 6.87 -15.98
CA GLY B 343 -34.68 6.66 -14.61
C GLY B 343 -33.71 5.89 -13.73
N ILE B 344 -32.41 5.95 -14.01
CA ILE B 344 -31.41 5.29 -13.18
C ILE B 344 -30.45 6.34 -12.65
N ILE B 345 -30.26 6.35 -11.32
CA ILE B 345 -29.29 7.23 -10.67
C ILE B 345 -27.99 6.47 -10.51
N PRO B 346 -26.96 6.75 -11.32
CA PRO B 346 -25.70 6.01 -11.21
C PRO B 346 -24.76 6.67 -10.21
N ALA B 347 -23.89 5.84 -9.62
CA ALA B 347 -22.81 6.40 -8.83
C ALA B 347 -21.97 7.32 -9.71
N LEU B 348 -21.43 8.37 -9.09
CA LEU B 348 -20.54 9.27 -9.82
C LEU B 348 -19.31 8.54 -10.32
N GLU B 349 -18.93 7.43 -9.68
CA GLU B 349 -17.82 6.61 -10.17
C GLU B 349 -18.18 5.96 -11.50
N SER B 350 -19.28 5.20 -11.50
CA SER B 350 -19.83 4.59 -12.70
C SER B 350 -20.09 5.65 -13.77
N SER B 351 -20.44 6.87 -13.36
CA SER B 351 -20.74 7.92 -14.34
C SER B 351 -19.54 8.21 -15.22
N HIS B 352 -18.30 7.95 -14.73
CA HIS B 352 -17.15 8.16 -15.59
C HIS B 352 -17.16 7.19 -16.76
N ALA B 353 -17.44 5.91 -16.48
CA ALA B 353 -17.54 4.94 -17.57
C ALA B 353 -18.63 5.34 -18.56
N LEU B 354 -19.85 5.59 -18.08
CA LEU B 354 -20.94 6.00 -18.96
C LEU B 354 -20.54 7.22 -19.78
N ALA B 355 -19.92 8.22 -19.14
CA ALA B 355 -19.56 9.44 -19.85
C ALA B 355 -18.65 9.15 -21.03
N HIS B 356 -17.77 8.13 -20.93
CA HIS B 356 -16.94 7.80 -22.08
C HIS B 356 -17.74 7.13 -23.20
N ALA B 357 -18.61 6.18 -22.85
CA ALA B 357 -19.52 5.57 -23.83
C ALA B 357 -20.36 6.61 -24.59
N LEU B 358 -20.89 7.60 -23.87
CA LEU B 358 -21.66 8.66 -24.53
C LEU B 358 -20.77 9.44 -25.50
N LYS B 359 -19.49 9.60 -25.19
CA LYS B 359 -18.57 10.28 -26.10
C LYS B 359 -18.35 9.47 -27.37
N MET B 360 -18.06 8.17 -27.23
CA MET B 360 -17.90 7.28 -28.37
C MET B 360 -19.11 7.37 -29.30
N MET B 361 -20.30 7.30 -28.70
CA MET B 361 -21.55 7.38 -29.45
C MET B 361 -21.72 8.74 -30.11
N ARG B 362 -21.47 9.83 -29.38
CA ARG B 362 -21.76 11.15 -29.93
C ARG B 362 -20.73 11.62 -30.96
N GLU B 363 -19.48 11.16 -30.84
CA GLU B 363 -18.47 11.64 -31.77
C GLU B 363 -18.66 10.98 -33.13
N GLN B 364 -19.26 9.79 -33.14
CA GLN B 364 -19.40 9.00 -34.36
C GLN B 364 -20.81 8.40 -34.43
N PRO B 365 -21.83 9.26 -34.52
CA PRO B 365 -23.22 8.78 -34.41
C PRO B 365 -23.65 7.81 -35.48
N GLU B 366 -22.99 7.75 -36.63
CA GLU B 366 -23.36 6.76 -37.64
C GLU B 366 -22.58 5.46 -37.51
N LYS B 367 -21.69 5.34 -36.53
CA LYS B 367 -20.94 4.11 -36.33
C LYS B 367 -21.81 3.10 -35.59
N GLU B 368 -22.02 1.95 -36.21
CA GLU B 368 -22.71 0.87 -35.53
C GLU B 368 -21.78 0.26 -34.50
N GLN B 369 -22.19 0.22 -33.24
CA GLN B 369 -21.33 -0.34 -32.20
C GLN B 369 -22.20 -0.82 -31.04
N LEU B 370 -21.82 -1.96 -30.46
CA LEU B 370 -22.51 -2.57 -29.33
C LEU B 370 -21.63 -2.38 -28.10
N LEU B 371 -22.10 -1.57 -27.14
CA LEU B 371 -21.31 -1.19 -25.99
C LEU B 371 -21.97 -1.65 -24.70
N VAL B 372 -21.15 -2.21 -23.80
CA VAL B 372 -21.54 -2.53 -22.44
C VAL B 372 -20.77 -1.65 -21.48
N VAL B 373 -21.50 -0.97 -20.60
CA VAL B 373 -20.95 -0.20 -19.49
C VAL B 373 -21.24 -0.98 -18.20
N ASN B 374 -20.20 -1.17 -17.37
CA ASN B 374 -20.38 -1.75 -16.04
C ASN B 374 -20.88 -0.66 -15.10
N LEU B 375 -22.15 -0.75 -14.67
CA LEU B 375 -22.70 0.26 -13.78
C LEU B 375 -22.37 -0.17 -12.37
N SER B 376 -21.20 0.26 -11.88
CA SER B 376 -20.61 -0.39 -10.71
C SER B 376 -21.37 -0.09 -9.43
N GLY B 377 -22.21 0.94 -9.40
CA GLY B 377 -23.01 1.21 -8.21
C GLY B 377 -24.11 2.19 -8.51
N ARG B 378 -24.97 2.40 -7.51
N ARG B 378 -24.97 2.39 -7.50
CA ARG B 378 -26.03 3.39 -7.62
CA ARG B 378 -26.04 3.38 -7.57
C ARG B 378 -25.57 4.68 -6.96
C ARG B 378 -25.58 4.68 -6.95
N GLY B 379 -26.28 5.77 -7.28
CA GLY B 379 -25.86 7.09 -6.91
C GLY B 379 -26.60 7.80 -5.81
N ASP B 380 -27.45 7.10 -5.04
CA ASP B 380 -28.10 7.71 -3.89
C ASP B 380 -27.10 8.42 -3.00
N LYS B 381 -25.95 7.77 -2.77
CA LYS B 381 -24.88 8.33 -1.96
C LYS B 381 -24.35 9.65 -2.50
N ASP B 382 -24.62 9.96 -3.78
CA ASP B 382 -24.04 11.12 -4.43
C ASP B 382 -25.02 12.25 -4.70
N ILE B 383 -26.28 12.13 -4.28
CA ILE B 383 -27.22 13.19 -4.64
C ILE B 383 -26.88 14.47 -3.92
N PHE B 384 -26.39 14.39 -2.70
CA PHE B 384 -26.04 15.61 -1.99
C PHE B 384 -24.87 16.30 -2.66
N THR B 385 -23.85 15.53 -3.04
CA THR B 385 -22.71 16.09 -3.76
C THR B 385 -23.13 16.75 -5.07
N VAL B 386 -23.99 16.07 -5.84
CA VAL B 386 -24.42 16.61 -7.13
C VAL B 386 -25.34 17.81 -6.91
N HIS B 387 -26.13 17.80 -5.85
CA HIS B 387 -27.03 18.92 -5.57
C HIS B 387 -26.25 20.21 -5.33
N ASP B 388 -25.26 20.16 -4.44
CA ASP B 388 -24.51 21.34 -4.06
C ASP B 388 -23.80 21.97 -5.25
N ILE B 389 -23.23 21.15 -6.14
CA ILE B 389 -22.59 21.68 -7.33
C ILE B 389 -23.61 22.36 -8.23
N LEU B 390 -24.78 21.76 -8.38
CA LEU B 390 -25.73 22.26 -9.36
C LEU B 390 -26.33 23.61 -8.93
N LYS B 391 -26.51 23.83 -7.62
CA LYS B 391 -26.99 25.14 -7.19
C LYS B 391 -25.86 26.13 -7.03
N ALA B 392 -24.63 25.65 -6.78
CA ALA B 392 -23.46 26.52 -6.84
C ALA B 392 -23.22 27.03 -8.27
N ARG B 393 -23.78 26.38 -9.27
CA ARG B 393 -23.68 26.81 -10.66
C ARG B 393 -24.91 27.56 -11.14
N GLY B 394 -26.11 27.05 -10.84
CA GLY B 394 -27.35 27.68 -11.26
C GLY B 394 -28.28 26.74 -12.01
CS CS C . -6.83 5.64 -9.73
CL CL D . -31.90 -10.98 -9.60
#